data_4RCV
#
_entry.id   4RCV
#
_cell.length_a   67.370
_cell.length_b   64.378
_cell.length_c   85.741
_cell.angle_alpha   90.00
_cell.angle_beta   101.73
_cell.angle_gamma   90.00
#
_symmetry.space_group_name_H-M   'P 1 21 1'
#
loop_
_entity.id
_entity.type
_entity.pdbx_description
1 polymer '1-deoxy-D-xylulose 5-phosphate reductoisomerase'
2 non-polymer 'MANGANESE (II) ION'
3 non-polymer 'NADPH DIHYDRO-NICOTINAMIDE-ADENINE-DINUCLEOTIDE PHOSPHATE'
4 non-polymer 1-deoxy-L-erythrulose
5 non-polymer 'PHOSPHITE ION'
6 water water
#
_entity_poly.entity_id   1
_entity_poly.type   'polypeptide(L)'
_entity_poly.pdbx_seq_one_letter_code
;MHHHHHHLVRPRGSHMTNSTDGRADGRLRVVVLGSTGSIGTQALQVIADNPDRFEVVGLAAGGAHLDTLLRQRAQTGVTN
IAVADEHAAQRVGDIPYHGSDAATRLVEQTEADVVLNALVGALGLRPTLAALKTGARLALANKESLVAGGSLVLRAARPG
QIVPVDSEHSALAQCLRGGTPDEVAKLVLTASGGPFRGWSAADLEHVTPEQAGAHPTWSMGPMNTLNSASLVNKGLEVIE
THLLFGIPYDRIDVVVHPQSIIHSMVTFIDGSTIAQASPPDMKLPISLALGWPRRVSGAAAACDFHTASSWEFEPLDTDV
FPAVELARQAGVAGGCMTAVYNAANEEAAAAFLAGRIGFPAIVGIIADVLHAADQWAVEPATVDDVLDAQRWARERAQRA
VSGM
;
_entity_poly.pdbx_strand_id   A,B
#
# COMPACT_ATOMS: atom_id res chain seq x y z
N ARG A 27 0.27 -1.01 -29.24
CA ARG A 27 -0.85 -1.94 -29.18
C ARG A 27 -0.37 -3.38 -29.00
N LEU A 28 -0.73 -4.01 -27.88
CA LEU A 28 -0.22 -5.34 -27.60
C LEU A 28 -1.12 -6.44 -28.17
N ARG A 29 -0.51 -7.32 -28.95
CA ARG A 29 -1.16 -8.52 -29.46
C ARG A 29 -1.30 -9.55 -28.35
N VAL A 30 -2.54 -9.82 -27.95
CA VAL A 30 -2.82 -10.72 -26.83
C VAL A 30 -3.50 -12.03 -27.28
N VAL A 31 -2.94 -13.17 -26.88
CA VAL A 31 -3.61 -14.45 -27.04
C VAL A 31 -4.33 -14.76 -25.73
N VAL A 32 -5.62 -15.08 -25.81
CA VAL A 32 -6.39 -15.38 -24.61
C VAL A 32 -6.78 -16.86 -24.53
N LEU A 33 -6.11 -17.60 -23.64
CA LEU A 33 -6.38 -19.02 -23.45
C LEU A 33 -7.46 -19.17 -22.38
N GLY A 34 -8.52 -19.92 -22.68
CA GLY A 34 -9.65 -20.05 -21.77
C GLY A 34 -10.54 -18.82 -21.86
N SER A 35 -10.84 -18.42 -23.09
CA SER A 35 -11.52 -17.16 -23.38
C SER A 35 -12.97 -17.12 -22.95
N THR A 36 -13.61 -18.29 -22.86
CA THR A 36 -15.04 -18.40 -22.53
C THR A 36 -15.29 -18.43 -21.03
N GLY A 37 -14.23 -18.53 -20.23
CA GLY A 37 -14.39 -18.61 -18.80
C GLY A 37 -14.55 -17.27 -18.10
N SER A 38 -14.58 -17.30 -16.77
CA SER A 38 -14.82 -16.12 -15.97
C SER A 38 -13.68 -15.10 -16.17
N ILE A 39 -12.44 -15.53 -16.01
CA ILE A 39 -11.30 -14.66 -16.29
C ILE A 39 -11.25 -14.20 -17.76
N GLY A 40 -11.33 -15.16 -18.67
CA GLY A 40 -11.29 -14.87 -20.09
C GLY A 40 -12.30 -13.85 -20.61
N THR A 41 -13.57 -13.98 -20.22
CA THR A 41 -14.57 -13.05 -20.69
C THR A 41 -14.27 -11.66 -20.11
N GLN A 42 -13.83 -11.62 -18.87
CA GLN A 42 -13.52 -10.33 -18.24
C GLN A 42 -12.31 -9.70 -18.92
N ALA A 43 -11.37 -10.53 -19.33
CA ALA A 43 -10.22 -10.04 -20.05
C ALA A 43 -10.61 -9.45 -21.39
N LEU A 44 -11.49 -10.16 -22.12
CA LEU A 44 -11.96 -9.62 -23.39
C LEU A 44 -12.64 -8.27 -23.19
N GLN A 45 -13.38 -8.10 -22.10
CA GLN A 45 -14.03 -6.82 -21.83
C GLN A 45 -13.00 -5.70 -21.61
N VAL A 46 -11.98 -5.98 -20.82
CA VAL A 46 -10.88 -5.04 -20.60
C VAL A 46 -10.21 -4.69 -21.93
N ILE A 47 -9.93 -5.71 -22.73
CA ILE A 47 -9.35 -5.52 -24.07
C ILE A 47 -10.28 -4.68 -24.97
N ALA A 48 -11.55 -5.06 -24.98
CA ALA A 48 -12.60 -4.33 -25.69
C ALA A 48 -12.63 -2.86 -25.31
N ASP A 49 -12.39 -2.58 -24.03
CA ASP A 49 -12.49 -1.23 -23.49
C ASP A 49 -11.24 -0.41 -23.72
N ASN A 50 -10.17 -1.07 -24.14
CA ASN A 50 -8.92 -0.36 -24.43
C ASN A 50 -8.28 -0.81 -25.74
N PRO A 51 -8.95 -0.53 -26.87
CA PRO A 51 -8.42 -0.94 -28.17
C PRO A 51 -7.15 -0.20 -28.54
N ASP A 52 -6.90 0.93 -27.87
CA ASP A 52 -5.67 1.69 -28.07
C ASP A 52 -4.45 0.92 -27.57
N ARG A 53 -4.68 -0.01 -26.64
CA ARG A 53 -3.59 -0.67 -25.93
C ARG A 53 -3.52 -2.16 -26.22
N PHE A 54 -4.67 -2.77 -26.45
CA PHE A 54 -4.75 -4.22 -26.57
C PHE A 54 -5.50 -4.68 -27.83
N GLU A 55 -5.02 -5.79 -28.40
CA GLU A 55 -5.67 -6.44 -29.55
C GLU A 55 -5.68 -7.97 -29.35
N VAL A 56 -6.86 -8.57 -29.41
CA VAL A 56 -6.96 -10.04 -29.34
C VAL A 56 -6.48 -10.64 -30.65
N VAL A 57 -5.53 -11.57 -30.60
CA VAL A 57 -5.10 -12.28 -31.81
C VAL A 57 -5.29 -13.79 -31.75
N GLY A 58 -5.95 -14.29 -30.71
CA GLY A 58 -6.12 -15.71 -30.50
C GLY A 58 -7.05 -16.03 -29.35
N LEU A 59 -7.78 -17.13 -29.48
CA LEU A 59 -8.70 -17.56 -28.44
C LEU A 59 -8.58 -19.06 -28.31
N ALA A 60 -8.47 -19.55 -27.09
CA ALA A 60 -8.57 -20.98 -26.82
C ALA A 60 -9.71 -21.26 -25.85
N ALA A 61 -10.43 -22.37 -26.09
CA ALA A 61 -11.52 -22.77 -25.22
C ALA A 61 -11.65 -24.29 -25.17
N GLY A 62 -12.39 -24.81 -24.19
CA GLY A 62 -12.54 -26.24 -24.03
C GLY A 62 -13.45 -26.85 -25.08
N GLY A 63 -14.54 -26.13 -25.38
CA GLY A 63 -15.58 -26.63 -26.27
C GLY A 63 -16.93 -26.76 -25.58
N ALA A 64 -16.98 -26.52 -24.28
CA ALA A 64 -18.21 -26.68 -23.50
C ALA A 64 -19.21 -25.52 -23.65
N HIS A 65 -18.74 -24.38 -24.18
CA HIS A 65 -19.60 -23.19 -24.34
C HIS A 65 -19.44 -22.57 -25.72
N LEU A 66 -20.02 -23.22 -26.73
CA LEU A 66 -19.79 -22.79 -28.11
C LEU A 66 -20.47 -21.47 -28.44
N ASP A 67 -21.61 -21.21 -27.81
CA ASP A 67 -22.33 -19.97 -28.02
C ASP A 67 -21.47 -18.78 -27.65
N THR A 68 -20.91 -18.82 -26.44
CA THR A 68 -19.99 -17.78 -25.99
C THR A 68 -18.83 -17.63 -26.97
N LEU A 69 -18.28 -18.76 -27.43
CA LEU A 69 -17.12 -18.74 -28.30
C LEU A 69 -17.45 -18.10 -29.65
N LEU A 70 -18.62 -18.41 -30.18
CA LEU A 70 -19.01 -17.89 -31.48
C LEU A 70 -19.16 -16.39 -31.38
N ARG A 71 -19.74 -15.96 -30.27
CA ARG A 71 -19.98 -14.57 -30.01
C ARG A 71 -18.65 -13.83 -29.97
N GLN A 72 -17.67 -14.40 -29.27
CA GLN A 72 -16.38 -13.72 -29.13
C GLN A 72 -15.68 -13.65 -30.47
N ARG A 73 -15.84 -14.70 -31.27
CA ARG A 73 -15.31 -14.69 -32.63
C ARG A 73 -15.90 -13.53 -33.45
N ALA A 74 -17.22 -13.38 -33.38
CA ALA A 74 -17.90 -12.31 -34.10
C ALA A 74 -17.49 -10.93 -33.60
N GLN A 75 -17.35 -10.81 -32.28
CA GLN A 75 -17.00 -9.52 -31.69
C GLN A 75 -15.54 -9.13 -31.96
N THR A 76 -14.62 -10.03 -31.65
CA THR A 76 -13.21 -9.74 -31.86
C THR A 76 -12.80 -9.86 -33.31
N GLY A 77 -13.58 -10.58 -34.10
CA GLY A 77 -13.20 -10.89 -35.47
C GLY A 77 -12.01 -11.84 -35.56
N VAL A 78 -11.69 -12.53 -34.46
CA VAL A 78 -10.60 -13.51 -34.49
C VAL A 78 -11.07 -14.91 -34.91
N THR A 79 -10.39 -15.48 -35.89
CA THR A 79 -10.71 -16.81 -36.39
C THR A 79 -9.61 -17.78 -35.96
N ASN A 80 -8.50 -17.21 -35.53
CA ASN A 80 -7.38 -17.95 -34.96
C ASN A 80 -7.77 -18.53 -33.59
N ILE A 81 -8.37 -19.71 -33.61
CA ILE A 81 -9.09 -20.25 -32.46
C ILE A 81 -8.75 -21.72 -32.18
N ALA A 82 -8.48 -22.02 -30.91
CA ALA A 82 -8.25 -23.37 -30.44
C ALA A 82 -9.45 -23.89 -29.64
N VAL A 83 -9.93 -25.07 -30.02
CA VAL A 83 -11.01 -25.74 -29.30
C VAL A 83 -10.55 -27.15 -28.92
N ALA A 84 -10.60 -27.46 -27.62
CA ALA A 84 -9.99 -28.68 -27.09
C ALA A 84 -10.73 -29.93 -27.55
N ASP A 85 -12.05 -29.87 -27.47
CA ASP A 85 -12.88 -31.01 -27.79
C ASP A 85 -13.03 -31.20 -29.31
N GLU A 86 -12.66 -32.38 -29.79
CA GLU A 86 -12.72 -32.71 -31.22
C GLU A 86 -14.12 -32.60 -31.80
N HIS A 87 -15.11 -33.14 -31.08
CA HIS A 87 -16.50 -33.07 -31.53
C HIS A 87 -17.02 -31.63 -31.55
N ALA A 88 -16.72 -30.89 -30.49
CA ALA A 88 -17.09 -29.47 -30.41
C ALA A 88 -16.51 -28.69 -31.58
N ALA A 89 -15.23 -28.89 -31.85
CA ALA A 89 -14.56 -28.14 -32.92
C ALA A 89 -15.19 -28.50 -34.24
N GLN A 90 -15.61 -29.77 -34.34
CA GLN A 90 -16.30 -30.28 -35.52
C GLN A 90 -17.65 -29.59 -35.70
N ARG A 91 -18.39 -29.45 -34.60
CA ARG A 91 -19.70 -28.79 -34.65
C ARG A 91 -19.60 -27.34 -35.11
N VAL A 92 -18.56 -26.65 -34.65
CA VAL A 92 -18.40 -25.24 -35.02
C VAL A 92 -17.99 -25.09 -36.49
N GLY A 93 -17.04 -25.93 -36.92
CA GLY A 93 -16.49 -25.81 -38.25
C GLY A 93 -15.41 -24.76 -38.35
N ASP A 94 -14.38 -25.08 -39.12
CA ASP A 94 -13.31 -24.13 -39.46
C ASP A 94 -12.50 -23.71 -38.25
N ILE A 95 -12.28 -24.64 -37.33
CA ILE A 95 -11.38 -24.39 -36.21
C ILE A 95 -9.98 -24.88 -36.56
N PRO A 96 -9.02 -23.96 -36.64
CA PRO A 96 -7.68 -24.35 -37.10
C PRO A 96 -6.91 -25.23 -36.11
N TYR A 97 -7.22 -25.13 -34.82
CA TYR A 97 -6.58 -25.97 -33.81
C TYR A 97 -7.64 -26.69 -32.99
N HIS A 98 -7.60 -28.02 -33.04
CA HIS A 98 -8.55 -28.84 -32.32
C HIS A 98 -7.91 -30.15 -31.87
N GLY A 99 -8.41 -30.70 -30.77
CA GLY A 99 -7.74 -31.80 -30.10
C GLY A 99 -7.10 -31.35 -28.80
N SER A 100 -6.52 -32.28 -28.07
CA SER A 100 -6.12 -32.04 -26.69
C SER A 100 -4.98 -31.03 -26.54
N ASP A 101 -4.16 -30.91 -27.57
N ASP A 101 -4.13 -30.93 -27.54
CA ASP A 101 -3.00 -30.03 -27.52
CA ASP A 101 -3.02 -29.98 -27.46
C ASP A 101 -3.24 -28.73 -28.30
C ASP A 101 -3.23 -28.77 -28.37
N ALA A 102 -4.49 -28.44 -28.65
CA ALA A 102 -4.82 -27.30 -29.51
C ALA A 102 -4.36 -25.93 -28.95
N ALA A 103 -4.63 -25.70 -27.67
CA ALA A 103 -4.22 -24.44 -27.06
C ALA A 103 -2.71 -24.30 -27.16
N THR A 104 -1.99 -25.40 -26.94
CA THR A 104 -0.53 -25.35 -26.98
C THR A 104 -0.03 -24.99 -28.39
N ARG A 105 -0.63 -25.61 -29.40
CA ARG A 105 -0.25 -25.35 -30.79
C ARG A 105 -0.60 -23.93 -31.24
N LEU A 106 -1.75 -23.42 -30.79
CA LEU A 106 -2.13 -22.04 -31.08
C LEU A 106 -1.07 -21.08 -30.58
N VAL A 107 -0.58 -21.31 -29.38
CA VAL A 107 0.46 -20.47 -28.79
C VAL A 107 1.76 -20.52 -29.62
N GLU A 108 2.17 -21.74 -29.96
CA GLU A 108 3.42 -21.93 -30.67
C GLU A 108 3.44 -21.26 -32.03
N GLN A 109 2.26 -20.99 -32.58
CA GLN A 109 2.17 -20.57 -33.97
C GLN A 109 1.62 -19.16 -34.13
N THR A 110 1.21 -18.56 -33.02
CA THR A 110 0.65 -17.22 -33.06
C THR A 110 1.66 -16.21 -32.56
N GLU A 111 1.98 -15.25 -33.42
CA GLU A 111 2.83 -14.13 -33.03
C GLU A 111 2.11 -13.26 -32.03
N ALA A 112 2.72 -13.07 -30.87
CA ALA A 112 2.04 -12.37 -29.79
C ALA A 112 3.00 -11.71 -28.83
N ASP A 113 2.54 -10.62 -28.21
CA ASP A 113 3.29 -9.93 -27.18
C ASP A 113 2.92 -10.45 -25.79
N VAL A 114 1.65 -10.84 -25.66
CA VAL A 114 1.13 -11.31 -24.38
C VAL A 114 0.33 -12.61 -24.55
N VAL A 115 0.67 -13.62 -23.74
CA VAL A 115 -0.23 -14.77 -23.63
C VAL A 115 -0.96 -14.72 -22.30
N LEU A 116 -2.27 -14.47 -22.34
CA LEU A 116 -3.10 -14.59 -21.16
C LEU A 116 -3.56 -16.06 -20.96
N ASN A 117 -2.95 -16.74 -19.99
CA ASN A 117 -3.33 -18.09 -19.70
C ASN A 117 -4.39 -18.14 -18.61
N ALA A 118 -5.65 -18.27 -19.04
CA ALA A 118 -6.79 -18.33 -18.14
C ALA A 118 -7.50 -19.67 -18.27
N LEU A 119 -6.73 -20.71 -18.58
CA LEU A 119 -7.20 -22.07 -18.47
C LEU A 119 -7.36 -22.38 -17.00
N VAL A 120 -8.10 -23.44 -16.69
CA VAL A 120 -8.21 -23.93 -15.33
C VAL A 120 -7.47 -25.26 -15.29
N GLY A 121 -6.87 -25.60 -14.15
CA GLY A 121 -6.23 -26.91 -13.98
C GLY A 121 -4.78 -27.04 -14.42
N ALA A 122 -4.14 -28.14 -14.02
CA ALA A 122 -2.77 -28.44 -14.43
C ALA A 122 -2.64 -28.77 -15.94
N LEU A 123 -3.75 -28.93 -16.63
CA LEU A 123 -3.69 -29.05 -18.09
C LEU A 123 -3.12 -27.78 -18.75
N GLY A 124 -3.13 -26.67 -18.01
CA GLY A 124 -2.58 -25.41 -18.51
C GLY A 124 -1.07 -25.41 -18.63
N LEU A 125 -0.44 -26.47 -18.12
CA LEU A 125 1.00 -26.60 -18.04
C LEU A 125 1.69 -26.45 -19.40
N ARG A 126 1.30 -27.25 -20.39
CA ARG A 126 1.93 -27.13 -21.70
C ARG A 126 1.74 -25.76 -22.37
N PRO A 127 0.51 -25.23 -22.38
CA PRO A 127 0.42 -23.90 -23.00
C PRO A 127 1.27 -22.85 -22.27
N THR A 128 1.45 -23.01 -20.96
CA THR A 128 2.28 -22.11 -20.19
C THR A 128 3.75 -22.20 -20.62
N LEU A 129 4.29 -23.41 -20.70
CA LEU A 129 5.65 -23.61 -21.16
C LEU A 129 5.84 -23.07 -22.58
N ALA A 130 4.88 -23.36 -23.46
CA ALA A 130 4.93 -22.89 -24.85
C ALA A 130 4.96 -21.37 -24.92
N ALA A 131 4.07 -20.73 -24.19
CA ALA A 131 4.06 -19.27 -24.09
C ALA A 131 5.43 -18.71 -23.70
N LEU A 132 6.03 -19.28 -22.66
CA LEU A 132 7.31 -18.79 -22.18
C LEU A 132 8.39 -18.94 -23.26
N LYS A 133 8.39 -20.08 -23.95
CA LYS A 133 9.39 -20.33 -24.98
C LYS A 133 9.29 -19.37 -26.18
N THR A 134 8.11 -18.81 -26.41
CA THR A 134 7.92 -17.87 -27.53
C THR A 134 8.51 -16.49 -27.22
N GLY A 135 8.91 -16.28 -25.96
CA GLY A 135 9.43 -14.99 -25.54
C GLY A 135 8.36 -13.99 -25.14
N ALA A 136 7.10 -14.34 -25.36
CA ALA A 136 6.00 -13.46 -24.98
C ALA A 136 5.88 -13.30 -23.47
N ARG A 137 5.17 -12.26 -23.03
CA ARG A 137 4.80 -12.19 -21.64
C ARG A 137 3.71 -13.20 -21.29
N LEU A 138 3.89 -13.91 -20.18
CA LEU A 138 2.87 -14.81 -19.66
C LEU A 138 2.00 -14.12 -18.60
N ALA A 139 0.84 -13.62 -19.00
CA ALA A 139 -0.09 -13.08 -18.02
C ALA A 139 -0.84 -14.29 -17.48
N LEU A 140 -0.48 -14.68 -16.26
CA LEU A 140 -0.86 -15.98 -15.76
C LEU A 140 -2.04 -15.92 -14.79
N ALA A 141 -3.18 -16.43 -15.21
CA ALA A 141 -4.30 -16.65 -14.30
C ALA A 141 -4.30 -18.11 -13.84
N ASN A 142 -3.83 -18.99 -14.71
CA ASN A 142 -3.82 -20.43 -14.44
C ASN A 142 -2.72 -20.80 -13.45
N LYS A 143 -2.96 -20.57 -12.16
CA LYS A 143 -1.90 -20.75 -11.16
C LYS A 143 -1.39 -22.19 -11.14
N GLU A 144 -2.28 -23.16 -11.35
CA GLU A 144 -1.92 -24.58 -11.41
C GLU A 144 -0.72 -24.92 -12.30
N SER A 145 -0.63 -24.30 -13.48
CA SER A 145 0.49 -24.59 -14.37
C SER A 145 1.84 -24.20 -13.74
N LEU A 146 1.89 -23.07 -13.02
CA LEU A 146 3.09 -22.67 -12.29
C LEU A 146 3.37 -23.58 -11.07
N VAL A 147 2.33 -23.89 -10.30
CA VAL A 147 2.50 -24.75 -9.14
C VAL A 147 2.99 -26.14 -9.56
N ALA A 148 2.44 -26.66 -10.66
CA ALA A 148 2.82 -27.97 -11.15
C ALA A 148 4.20 -27.92 -11.78
N GLY A 149 4.41 -26.94 -12.65
CA GLY A 149 5.69 -26.84 -13.34
C GLY A 149 6.88 -26.60 -12.43
N GLY A 150 6.68 -25.87 -11.33
CA GLY A 150 7.78 -25.53 -10.43
C GLY A 150 9.01 -25.00 -11.16
N SER A 151 10.17 -25.52 -10.78
CA SER A 151 11.44 -25.07 -11.34
C SER A 151 11.51 -25.19 -12.86
N LEU A 152 10.76 -26.12 -13.42
CA LEU A 152 10.69 -26.28 -14.86
C LEU A 152 10.16 -25.01 -15.53
N VAL A 153 9.03 -24.51 -15.03
CA VAL A 153 8.44 -23.29 -15.56
C VAL A 153 9.39 -22.10 -15.32
N LEU A 154 10.01 -22.07 -14.15
CA LEU A 154 10.93 -21.00 -13.81
C LEU A 154 12.16 -21.00 -14.72
N ARG A 155 12.70 -22.17 -15.01
CA ARG A 155 13.82 -22.28 -15.94
C ARG A 155 13.44 -21.76 -17.31
N ALA A 156 12.19 -21.97 -17.71
CA ALA A 156 11.76 -21.51 -19.03
C ALA A 156 11.53 -20.00 -19.10
N ALA A 157 11.30 -19.36 -17.95
CA ALA A 157 10.94 -17.93 -17.95
C ALA A 157 12.17 -17.01 -17.91
N ARG A 158 12.07 -15.89 -18.61
CA ARG A 158 12.97 -14.75 -18.38
C ARG A 158 12.52 -14.07 -17.09
N PRO A 159 13.44 -13.37 -16.41
CA PRO A 159 13.04 -12.57 -15.25
C PRO A 159 11.92 -11.60 -15.60
N GLY A 160 10.85 -11.59 -14.81
CA GLY A 160 9.70 -10.76 -15.06
C GLY A 160 8.83 -11.17 -16.25
N GLN A 161 9.08 -12.33 -16.84
CA GLN A 161 8.27 -12.72 -18.00
C GLN A 161 6.88 -13.16 -17.55
N ILE A 162 6.79 -13.62 -16.31
CA ILE A 162 5.50 -14.06 -15.78
C ILE A 162 4.88 -12.95 -14.95
N VAL A 163 3.79 -12.36 -15.44
CA VAL A 163 3.07 -11.35 -14.67
C VAL A 163 1.76 -11.94 -14.16
N PRO A 164 1.58 -11.91 -12.83
CA PRO A 164 0.45 -12.62 -12.23
C PRO A 164 -0.91 -11.93 -12.43
N VAL A 165 -1.94 -12.72 -12.68
CA VAL A 165 -3.30 -12.22 -12.78
C VAL A 165 -4.02 -12.42 -11.44
N ASP A 166 -3.59 -13.43 -10.68
CA ASP A 166 -4.13 -13.68 -9.36
C ASP A 166 -4.05 -12.41 -8.53
N SER A 167 -5.12 -12.08 -7.81
CA SER A 167 -5.21 -10.82 -7.07
C SER A 167 -4.12 -10.65 -6.03
N GLU A 168 -3.93 -11.68 -5.20
CA GLU A 168 -2.91 -11.66 -4.16
C GLU A 168 -1.56 -11.34 -4.77
N HIS A 169 -1.23 -12.05 -5.83
CA HIS A 169 0.09 -11.93 -6.45
C HIS A 169 0.21 -10.64 -7.24
N SER A 170 -0.92 -10.15 -7.77
CA SER A 170 -0.93 -8.86 -8.43
C SER A 170 -0.68 -7.77 -7.37
N ALA A 171 -1.33 -7.92 -6.22
CA ALA A 171 -1.11 -7.04 -5.07
C ALA A 171 0.34 -7.07 -4.61
N LEU A 172 0.88 -8.27 -4.38
CA LEU A 172 2.26 -8.37 -3.91
C LEU A 172 3.23 -7.66 -4.84
N ALA A 173 3.02 -7.81 -6.13
CA ALA A 173 3.89 -7.20 -7.13
C ALA A 173 3.87 -5.68 -6.98
N GLN A 174 2.67 -5.12 -6.76
CA GLN A 174 2.54 -3.69 -6.55
C GLN A 174 3.21 -3.28 -5.24
N CYS A 175 2.96 -4.03 -4.18
CA CYS A 175 3.44 -3.65 -2.87
C CYS A 175 4.96 -3.71 -2.76
N LEU A 176 5.56 -4.63 -3.50
CA LEU A 176 7.03 -4.80 -3.50
C LEU A 176 7.76 -3.58 -4.07
N ARG A 177 7.02 -2.72 -4.78
CA ARG A 177 7.58 -1.43 -5.21
C ARG A 177 7.92 -0.56 -3.98
N GLY A 178 7.42 -0.95 -2.82
CA GLY A 178 7.65 -0.20 -1.60
C GLY A 178 9.06 -0.30 -1.06
N GLY A 179 9.91 -1.06 -1.74
CA GLY A 179 11.26 -1.24 -1.27
C GLY A 179 12.10 -2.14 -2.15
N THR A 180 13.39 -2.19 -1.87
CA THR A 180 14.28 -3.11 -2.57
C THR A 180 14.14 -4.48 -1.93
N PRO A 181 14.54 -5.55 -2.65
CA PRO A 181 14.39 -6.91 -2.15
C PRO A 181 15.01 -7.17 -0.77
N ASP A 182 16.19 -6.63 -0.49
CA ASP A 182 16.80 -6.85 0.81
C ASP A 182 16.07 -6.11 1.95
N GLU A 183 15.10 -5.28 1.61
CA GLU A 183 14.28 -4.64 2.63
C GLU A 183 12.99 -5.42 2.93
N VAL A 184 12.74 -6.49 2.19
CA VAL A 184 11.52 -7.27 2.39
C VAL A 184 11.70 -8.18 3.58
N ALA A 185 10.79 -8.07 4.55
CA ALA A 185 10.79 -8.94 5.71
C ALA A 185 9.81 -10.11 5.50
N LYS A 186 8.61 -9.78 5.02
CA LYS A 186 7.52 -10.74 4.95
C LYS A 186 6.52 -10.43 3.82
N LEU A 187 5.99 -11.47 3.18
CA LEU A 187 4.85 -11.31 2.29
C LEU A 187 3.59 -11.85 2.99
N VAL A 188 2.52 -11.09 2.94
CA VAL A 188 1.31 -11.46 3.65
C VAL A 188 0.17 -11.63 2.65
N LEU A 189 -0.28 -12.87 2.48
CA LEU A 189 -1.44 -13.16 1.65
C LEU A 189 -2.69 -13.04 2.47
N THR A 190 -3.72 -12.47 1.87
CA THR A 190 -5.02 -12.46 2.52
C THR A 190 -5.88 -13.59 1.96
N ALA A 191 -6.72 -14.13 2.83
CA ALA A 191 -7.62 -15.21 2.49
C ALA A 191 -8.99 -14.83 3.00
N SER A 192 -10.01 -14.98 2.16
CA SER A 192 -11.38 -14.66 2.56
C SER A 192 -11.87 -15.55 3.70
N GLY A 193 -11.33 -16.77 3.79
CA GLY A 193 -11.77 -17.74 4.78
C GLY A 193 -12.79 -18.73 4.20
N GLY A 194 -13.33 -18.39 3.04
CA GLY A 194 -14.31 -19.22 2.40
C GLY A 194 -15.65 -19.16 3.10
N PRO A 195 -16.64 -19.89 2.57
CA PRO A 195 -17.99 -19.94 3.13
C PRO A 195 -18.03 -20.61 4.50
N PHE A 196 -17.01 -21.39 4.83
CA PHE A 196 -17.03 -22.13 6.08
C PHE A 196 -16.02 -21.58 7.10
N ARG A 197 -15.67 -20.31 6.93
CA ARG A 197 -14.87 -19.62 7.92
C ARG A 197 -15.60 -19.65 9.27
N GLY A 198 -14.90 -20.12 10.30
CA GLY A 198 -15.49 -20.21 11.62
C GLY A 198 -16.07 -21.56 11.99
N TRP A 199 -16.17 -22.48 11.03
CA TRP A 199 -16.80 -23.77 11.32
C TRP A 199 -15.81 -24.71 11.99
N SER A 200 -16.34 -25.66 12.75
CA SER A 200 -15.51 -26.71 13.35
C SER A 200 -15.31 -27.84 12.35
N ALA A 201 -14.36 -28.72 12.65
CA ALA A 201 -14.16 -29.92 11.85
C ALA A 201 -15.47 -30.72 11.75
N ALA A 202 -16.17 -30.85 12.88
CA ALA A 202 -17.42 -31.60 12.92
C ALA A 202 -18.47 -31.04 11.96
N ASP A 203 -18.63 -29.73 11.98
CA ASP A 203 -19.53 -29.03 11.07
C ASP A 203 -19.21 -29.31 9.61
N LEU A 204 -17.91 -29.33 9.29
CA LEU A 204 -17.46 -29.54 7.92
C LEU A 204 -17.85 -30.91 7.35
N GLU A 205 -18.04 -31.90 8.23
CA GLU A 205 -18.39 -33.25 7.79
C GLU A 205 -19.68 -33.23 6.96
N HIS A 206 -20.56 -32.28 7.27
CA HIS A 206 -21.88 -32.17 6.66
C HIS A 206 -21.93 -31.33 5.39
N VAL A 207 -20.80 -30.75 4.98
CA VAL A 207 -20.80 -29.85 3.83
C VAL A 207 -21.19 -30.58 2.55
N THR A 208 -22.08 -29.98 1.77
CA THR A 208 -22.49 -30.55 0.49
C THR A 208 -21.82 -29.80 -0.67
N PRO A 209 -21.86 -30.38 -1.88
CA PRO A 209 -21.29 -29.66 -3.02
C PRO A 209 -21.98 -28.30 -3.29
N GLU A 210 -23.27 -28.21 -2.97
CA GLU A 210 -24.02 -26.97 -3.17
C GLU A 210 -23.50 -25.82 -2.28
N GLN A 211 -23.14 -26.15 -1.03
CA GLN A 211 -22.64 -25.17 -0.07
C GLN A 211 -21.21 -24.71 -0.41
N ALA A 212 -20.52 -25.51 -1.21
CA ALA A 212 -19.22 -25.13 -1.73
C ALA A 212 -19.40 -24.78 -3.20
N GLY A 213 -20.21 -23.75 -3.45
CA GLY A 213 -20.61 -23.37 -4.80
C GLY A 213 -21.15 -21.95 -4.88
N PRO A 222 -15.83 -22.51 -10.12
CA PRO A 222 -16.17 -23.93 -9.97
C PRO A 222 -15.16 -24.68 -9.10
N MET A 223 -14.01 -25.01 -9.68
CA MET A 223 -12.87 -25.50 -8.90
C MET A 223 -12.41 -24.39 -7.96
N ASN A 224 -12.42 -23.16 -8.48
CA ASN A 224 -12.10 -21.94 -7.73
C ASN A 224 -12.88 -21.86 -6.44
N THR A 225 -14.20 -21.98 -6.59
CA THR A 225 -15.15 -21.93 -5.50
C THR A 225 -14.88 -23.01 -4.46
N LEU A 226 -14.71 -24.25 -4.91
CA LEU A 226 -14.44 -25.33 -4.00
C LEU A 226 -13.08 -25.13 -3.34
N ASN A 227 -12.06 -24.88 -4.15
CA ASN A 227 -10.71 -24.61 -3.62
C ASN A 227 -10.64 -23.43 -2.64
N SER A 228 -11.48 -22.42 -2.82
CA SER A 228 -11.52 -21.33 -1.84
C SER A 228 -12.10 -21.81 -0.52
N ALA A 229 -13.19 -22.58 -0.60
CA ALA A 229 -13.81 -23.20 0.57
C ALA A 229 -12.87 -24.16 1.31
N SER A 230 -12.09 -24.95 0.58
CA SER A 230 -11.27 -25.99 1.22
C SER A 230 -9.96 -25.41 1.71
N LEU A 231 -9.68 -24.18 1.26
CA LEU A 231 -8.42 -23.47 1.50
C LEU A 231 -7.24 -23.99 0.69
N VAL A 232 -7.53 -24.96 -0.18
CA VAL A 232 -6.52 -25.45 -1.10
C VAL A 232 -6.10 -24.31 -2.02
N ASN A 233 -7.03 -23.45 -2.40
CA ASN A 233 -6.67 -22.29 -3.23
C ASN A 233 -5.59 -21.43 -2.57
N LYS A 234 -5.71 -21.19 -1.27
CA LYS A 234 -4.71 -20.40 -0.58
C LYS A 234 -3.37 -21.13 -0.55
N GLY A 235 -3.42 -22.45 -0.35
CA GLY A 235 -2.22 -23.26 -0.41
C GLY A 235 -1.51 -23.17 -1.75
N LEU A 236 -2.26 -23.26 -2.84
CA LEU A 236 -1.68 -23.07 -4.18
C LEU A 236 -1.06 -21.67 -4.31
N GLU A 237 -1.71 -20.68 -3.71
CA GLU A 237 -1.26 -19.31 -3.81
C GLU A 237 0.04 -19.08 -3.02
N VAL A 238 0.16 -19.77 -1.88
CA VAL A 238 1.39 -19.78 -1.13
C VAL A 238 2.55 -20.35 -1.97
N ILE A 239 2.32 -21.44 -2.70
CA ILE A 239 3.33 -22.00 -3.59
C ILE A 239 3.67 -21.04 -4.73
N GLU A 240 2.62 -20.45 -5.31
CA GLU A 240 2.79 -19.50 -6.40
C GLU A 240 3.64 -18.30 -5.91
N THR A 241 3.46 -17.95 -4.64
CA THR A 241 4.20 -16.82 -4.07
C THR A 241 5.68 -17.14 -4.02
N HIS A 242 6.02 -18.34 -3.56
CA HIS A 242 7.41 -18.75 -3.48
C HIS A 242 8.07 -18.84 -4.87
N LEU A 243 7.33 -19.35 -5.84
CA LEU A 243 7.86 -19.47 -7.18
C LEU A 243 7.98 -18.12 -7.89
N LEU A 244 6.95 -17.28 -7.77
CA LEU A 244 7.00 -15.98 -8.45
C LEU A 244 8.05 -15.05 -7.85
N PHE A 245 8.10 -14.99 -6.52
CA PHE A 245 8.88 -13.96 -5.84
C PHE A 245 10.12 -14.46 -5.17
N GLY A 246 10.29 -15.78 -5.14
CA GLY A 246 11.52 -16.36 -4.66
C GLY A 246 11.84 -16.09 -3.20
N ILE A 247 10.82 -16.03 -2.36
CA ILE A 247 11.10 -15.90 -0.94
C ILE A 247 10.71 -17.19 -0.22
N PRO A 248 11.43 -17.51 0.87
CA PRO A 248 11.21 -18.74 1.63
C PRO A 248 9.79 -18.85 2.20
N TYR A 249 9.34 -20.09 2.38
CA TYR A 249 8.00 -20.36 2.90
C TYR A 249 7.76 -19.85 4.31
N ASP A 250 8.81 -19.77 5.11
CA ASP A 250 8.68 -19.29 6.48
C ASP A 250 8.54 -17.76 6.55
N ARG A 251 8.81 -17.08 5.43
CA ARG A 251 8.55 -15.65 5.33
C ARG A 251 7.29 -15.33 4.48
N ILE A 252 6.44 -16.31 4.24
CA ILE A 252 5.16 -16.07 3.57
C ILE A 252 4.02 -16.36 4.52
N ASP A 253 3.28 -15.33 4.90
CA ASP A 253 2.20 -15.49 5.87
C ASP A 253 0.84 -15.49 5.20
N VAL A 254 -0.14 -16.05 5.89
CA VAL A 254 -1.53 -15.96 5.48
C VAL A 254 -2.36 -15.36 6.60
N VAL A 255 -3.26 -14.45 6.25
CA VAL A 255 -4.20 -13.95 7.23
C VAL A 255 -5.59 -13.99 6.64
N VAL A 256 -6.59 -14.34 7.46
CA VAL A 256 -7.97 -14.32 7.00
C VAL A 256 -8.55 -12.90 7.09
N HIS A 257 -9.03 -12.41 5.95
CA HIS A 257 -9.57 -11.06 5.81
C HIS A 257 -10.88 -11.22 5.04
N PRO A 258 -12.00 -11.34 5.77
CA PRO A 258 -13.21 -11.77 5.05
C PRO A 258 -13.76 -10.80 4.02
N GLN A 259 -13.45 -9.51 4.11
CA GLN A 259 -14.01 -8.54 3.16
C GLN A 259 -13.36 -8.63 1.78
N SER A 260 -12.16 -9.20 1.71
CA SER A 260 -11.40 -9.28 0.45
C SER A 260 -11.21 -7.95 -0.27
N ILE A 261 -10.97 -6.88 0.49
CA ILE A 261 -10.61 -5.59 -0.07
C ILE A 261 -9.09 -5.52 -0.16
N ILE A 262 -8.41 -5.80 0.95
CA ILE A 262 -6.96 -5.91 0.93
C ILE A 262 -6.55 -7.23 0.26
N HIS A 263 -5.82 -7.15 -0.84
CA HIS A 263 -5.57 -8.36 -1.62
C HIS A 263 -4.28 -9.07 -1.24
N SER A 264 -3.41 -8.36 -0.53
CA SER A 264 -2.14 -8.86 0.03
C SER A 264 -1.27 -7.69 0.43
N MET A 265 -0.24 -7.98 1.23
CA MET A 265 0.61 -6.94 1.77
C MET A 265 2.06 -7.41 1.85
N VAL A 266 2.97 -6.44 1.89
CA VAL A 266 4.37 -6.68 2.14
C VAL A 266 4.83 -5.92 3.40
N THR A 267 5.51 -6.62 4.29
CA THR A 267 6.10 -6.02 5.49
C THR A 267 7.60 -5.85 5.28
N PHE A 268 8.08 -4.62 5.44
CA PHE A 268 9.48 -4.31 5.24
C PHE A 268 10.23 -4.32 6.57
N ILE A 269 11.56 -4.37 6.49
CA ILE A 269 12.39 -4.58 7.68
C ILE A 269 12.37 -3.43 8.70
N ASP A 270 11.79 -2.29 8.31
CA ASP A 270 11.67 -1.15 9.20
C ASP A 270 10.35 -1.15 9.96
N GLY A 271 9.49 -2.12 9.66
CA GLY A 271 8.20 -2.23 10.32
C GLY A 271 7.06 -1.67 9.48
N SER A 272 7.38 -1.05 8.35
CA SER A 272 6.34 -0.54 7.45
C SER A 272 5.71 -1.65 6.63
N THR A 273 4.38 -1.64 6.56
CA THR A 273 3.66 -2.54 5.68
C THR A 273 2.99 -1.74 4.58
N ILE A 274 3.25 -2.14 3.33
CA ILE A 274 2.54 -1.60 2.16
C ILE A 274 1.47 -2.59 1.69
N ALA A 275 0.24 -2.11 1.52
CA ALA A 275 -0.87 -2.97 1.11
C ALA A 275 -1.58 -2.49 -0.17
N GLN A 276 -2.18 -3.44 -0.88
CA GLN A 276 -2.98 -3.12 -2.05
C GLN A 276 -4.44 -3.45 -1.73
N ALA A 277 -5.35 -2.60 -2.19
CA ALA A 277 -6.76 -2.72 -1.83
C ALA A 277 -7.69 -2.24 -2.94
N SER A 278 -8.80 -2.96 -3.14
CA SER A 278 -9.81 -2.60 -4.13
C SER A 278 -11.02 -3.50 -3.94
N PRO A 279 -12.21 -2.99 -4.30
CA PRO A 279 -13.36 -3.90 -4.25
C PRO A 279 -13.07 -5.07 -5.18
N PRO A 280 -13.52 -6.29 -4.81
CA PRO A 280 -13.17 -7.49 -5.59
C PRO A 280 -13.68 -7.39 -7.03
N ASP A 281 -12.75 -7.32 -7.97
CA ASP A 281 -13.05 -7.21 -9.39
C ASP A 281 -11.79 -7.59 -10.16
N MET A 282 -11.84 -8.75 -10.79
CA MET A 282 -10.66 -9.31 -11.46
C MET A 282 -10.15 -8.49 -12.63
N LYS A 283 -10.95 -7.54 -13.10
CA LYS A 283 -10.56 -6.68 -14.22
C LYS A 283 -9.34 -5.85 -13.87
N LEU A 284 -9.22 -5.47 -12.60
CA LEU A 284 -8.05 -4.72 -12.14
C LEU A 284 -6.74 -5.51 -12.32
N PRO A 285 -6.59 -6.68 -11.66
CA PRO A 285 -5.33 -7.41 -11.89
C PRO A 285 -5.13 -7.93 -13.33
N ILE A 286 -6.23 -8.25 -14.01
CA ILE A 286 -6.15 -8.60 -15.43
C ILE A 286 -5.58 -7.45 -16.25
N SER A 287 -6.10 -6.25 -16.04
CA SER A 287 -5.68 -5.10 -16.82
C SER A 287 -4.21 -4.81 -16.58
N LEU A 288 -3.79 -4.94 -15.32
CA LEU A 288 -2.38 -4.68 -14.97
C LEU A 288 -1.44 -5.75 -15.53
N ALA A 289 -1.89 -7.00 -15.58
CA ALA A 289 -1.08 -8.09 -16.11
C ALA A 289 -0.86 -7.90 -17.60
N LEU A 290 -1.93 -7.49 -18.29
CA LEU A 290 -1.85 -7.14 -19.69
C LEU A 290 -0.98 -5.90 -19.93
N GLY A 291 -1.18 -4.85 -19.15
CA GLY A 291 -0.50 -3.60 -19.43
C GLY A 291 0.83 -3.36 -18.73
N TRP A 292 1.29 -4.35 -17.96
CA TRP A 292 2.48 -4.21 -17.12
C TRP A 292 3.65 -3.63 -17.93
N PRO A 293 4.39 -2.66 -17.37
CA PRO A 293 4.26 -2.15 -16.00
C PRO A 293 3.27 -1.00 -15.85
N ARG A 294 2.51 -0.69 -16.90
CA ARG A 294 1.63 0.48 -16.94
C ARG A 294 0.21 0.17 -16.53
N ARG A 295 -0.36 1.03 -15.70
CA ARG A 295 -1.72 0.83 -15.23
C ARG A 295 -2.73 1.25 -16.30
N VAL A 296 -3.89 0.62 -16.29
CA VAL A 296 -4.93 0.84 -17.30
C VAL A 296 -6.08 1.63 -16.69
N SER A 297 -6.23 2.90 -17.08
CA SER A 297 -7.22 3.76 -16.43
C SER A 297 -8.64 3.25 -16.57
N GLY A 298 -9.40 3.35 -15.49
CA GLY A 298 -10.79 2.95 -15.52
C GLY A 298 -11.02 1.46 -15.54
N ALA A 299 -9.98 0.67 -15.28
CA ALA A 299 -10.10 -0.77 -15.29
C ALA A 299 -11.15 -1.28 -14.30
N ALA A 300 -11.25 -0.63 -13.16
CA ALA A 300 -12.16 -1.08 -12.12
C ALA A 300 -12.48 0.05 -11.16
N ALA A 301 -13.51 -0.15 -10.35
CA ALA A 301 -13.89 0.83 -9.34
C ALA A 301 -12.90 0.80 -8.19
N ALA A 302 -12.62 1.96 -7.64
CA ALA A 302 -11.71 2.09 -6.50
C ALA A 302 -12.48 2.01 -5.20
N CYS A 303 -11.78 1.66 -4.12
CA CYS A 303 -12.33 1.77 -2.78
C CYS A 303 -13.04 3.09 -2.60
N ASP A 304 -14.24 3.05 -2.05
CA ASP A 304 -14.98 4.28 -1.81
C ASP A 304 -15.00 4.68 -0.34
N PHE A 305 -14.33 5.79 -0.03
CA PHE A 305 -14.24 6.25 1.34
C PHE A 305 -15.26 7.34 1.70
N HIS A 306 -16.26 7.49 0.84
CA HIS A 306 -17.38 8.38 1.11
C HIS A 306 -18.45 7.63 1.88
N THR A 307 -18.22 6.35 2.11
CA THR A 307 -19.14 5.58 2.94
C THR A 307 -18.36 4.64 3.85
N ALA A 308 -18.91 4.37 5.03
CA ALA A 308 -18.17 3.66 6.08
C ALA A 308 -17.89 2.21 5.72
N SER A 309 -16.79 1.69 6.25
CA SER A 309 -16.48 0.28 6.07
C SER A 309 -15.49 -0.20 7.10
N SER A 310 -15.33 -1.52 7.15
CA SER A 310 -14.45 -2.16 8.10
C SER A 310 -13.62 -3.24 7.40
N TRP A 311 -12.30 -3.22 7.60
CA TRP A 311 -11.44 -4.25 7.03
C TRP A 311 -10.95 -5.11 8.19
N GLU A 312 -11.37 -6.38 8.22
CA GLU A 312 -11.09 -7.23 9.37
C GLU A 312 -10.00 -8.26 9.11
N PHE A 313 -9.27 -8.62 10.16
CA PHE A 313 -8.21 -9.63 10.09
C PHE A 313 -8.29 -10.59 11.27
N GLU A 314 -8.15 -11.88 10.97
CA GLU A 314 -8.06 -12.91 12.00
C GLU A 314 -7.14 -13.99 11.47
N PRO A 315 -6.43 -14.69 12.39
CA PRO A 315 -5.59 -15.83 12.00
C PRO A 315 -6.41 -16.91 11.34
N LEU A 316 -5.78 -17.64 10.43
CA LEU A 316 -6.39 -18.82 9.83
C LEU A 316 -6.45 -19.93 10.89
N ASP A 317 -7.58 -20.63 10.98
CA ASP A 317 -7.67 -21.80 11.83
C ASP A 317 -7.01 -23.00 11.14
N THR A 318 -5.71 -23.17 11.32
CA THR A 318 -4.98 -24.14 10.52
C THR A 318 -5.30 -25.60 10.88
N ASP A 319 -5.70 -25.86 12.12
CA ASP A 319 -6.06 -27.22 12.51
C ASP A 319 -7.32 -27.69 11.76
N VAL A 320 -8.28 -26.79 11.59
CA VAL A 320 -9.49 -27.12 10.85
C VAL A 320 -9.22 -27.00 9.35
N PHE A 321 -8.34 -26.07 8.97
CA PHE A 321 -7.96 -25.92 7.56
C PHE A 321 -6.45 -26.05 7.35
N PRO A 322 -5.96 -27.32 7.29
CA PRO A 322 -4.53 -27.58 7.15
C PRO A 322 -3.96 -27.48 5.73
N ALA A 323 -4.82 -27.19 4.75
CA ALA A 323 -4.41 -27.18 3.33
C ALA A 323 -3.26 -26.24 3.01
N VAL A 324 -3.20 -25.11 3.72
CA VAL A 324 -2.13 -24.15 3.52
C VAL A 324 -0.82 -24.68 4.09
N GLU A 325 -0.89 -25.32 5.25
CA GLU A 325 0.30 -25.96 5.81
C GLU A 325 0.80 -27.14 4.96
N LEU A 326 -0.14 -27.89 4.38
CA LEU A 326 0.20 -28.98 3.49
C LEU A 326 0.87 -28.47 2.22
N ALA A 327 0.40 -27.32 1.73
CA ALA A 327 1.06 -26.67 0.61
C ALA A 327 2.51 -26.26 0.92
N ARG A 328 2.74 -25.72 2.11
CA ARG A 328 4.10 -25.33 2.49
C ARG A 328 5.01 -26.55 2.56
N GLN A 329 4.52 -27.64 3.14
CA GLN A 329 5.33 -28.86 3.26
C GLN A 329 5.68 -29.39 1.86
N ALA A 330 4.70 -29.41 0.97
CA ALA A 330 4.92 -29.73 -0.43
C ALA A 330 5.93 -28.77 -1.07
N GLY A 331 5.78 -27.48 -0.77
CA GLY A 331 6.63 -26.47 -1.39
C GLY A 331 8.08 -26.60 -0.95
N VAL A 332 8.30 -26.84 0.33
CA VAL A 332 9.64 -26.99 0.89
C VAL A 332 10.33 -28.27 0.36
N ALA A 333 9.60 -29.39 0.27
CA ALA A 333 10.16 -30.57 -0.39
C ALA A 333 10.57 -30.23 -1.83
N GLY A 334 9.71 -29.48 -2.53
CA GLY A 334 10.01 -28.97 -3.85
C GLY A 334 10.03 -30.01 -4.97
N GLY A 335 10.75 -29.71 -6.04
CA GLY A 335 10.82 -30.60 -7.17
C GLY A 335 9.44 -30.81 -7.78
N CYS A 336 9.00 -32.05 -7.91
CA CYS A 336 7.68 -32.34 -8.48
C CYS A 336 6.59 -32.46 -7.42
N MET A 337 6.96 -32.21 -6.17
CA MET A 337 6.03 -32.38 -5.05
C MET A 337 4.81 -31.44 -5.10
N THR A 338 4.98 -30.23 -5.63
CA THR A 338 3.87 -29.30 -5.74
C THR A 338 2.88 -29.72 -6.86
N ALA A 339 3.40 -30.28 -7.94
CA ALA A 339 2.54 -30.94 -8.93
C ALA A 339 1.70 -32.05 -8.26
N VAL A 340 2.33 -32.81 -7.37
CA VAL A 340 1.61 -33.85 -6.64
C VAL A 340 0.48 -33.26 -5.79
N TYR A 341 0.81 -32.20 -5.04
CA TYR A 341 -0.17 -31.49 -4.21
C TYR A 341 -1.37 -31.08 -5.03
N ASN A 342 -1.14 -30.44 -6.16
CA ASN A 342 -2.25 -30.00 -7.01
C ASN A 342 -3.04 -31.14 -7.65
N ALA A 343 -2.34 -32.13 -8.19
CA ALA A 343 -2.99 -33.20 -8.92
C ALA A 343 -3.89 -34.04 -8.00
N ALA A 344 -3.41 -34.26 -6.78
CA ALA A 344 -4.16 -34.98 -5.74
C ALA A 344 -5.46 -34.25 -5.48
N ASN A 345 -5.36 -32.94 -5.32
CA ASN A 345 -6.53 -32.11 -5.11
C ASN A 345 -7.50 -32.21 -6.26
N GLU A 346 -7.03 -32.06 -7.49
CA GLU A 346 -7.92 -32.17 -8.67
C GLU A 346 -8.76 -33.44 -8.66
N GLU A 347 -8.13 -34.57 -8.35
CA GLU A 347 -8.84 -35.85 -8.25
C GLU A 347 -9.79 -35.90 -7.08
N ALA A 348 -9.32 -35.46 -5.91
CA ALA A 348 -10.14 -35.50 -4.71
C ALA A 348 -11.34 -34.57 -4.86
N ALA A 349 -11.10 -33.37 -5.42
CA ALA A 349 -12.15 -32.39 -5.61
C ALA A 349 -13.25 -32.95 -6.53
N ALA A 350 -12.84 -33.68 -7.55
CA ALA A 350 -13.77 -34.27 -8.51
C ALA A 350 -14.64 -35.30 -7.81
N ALA A 351 -14.03 -36.07 -6.92
CA ALA A 351 -14.76 -37.07 -6.15
C ALA A 351 -15.77 -36.44 -5.21
N PHE A 352 -15.37 -35.34 -4.54
CA PHE A 352 -16.29 -34.63 -3.66
C PHE A 352 -17.47 -34.04 -4.43
N LEU A 353 -17.17 -33.38 -5.54
CA LEU A 353 -18.23 -32.76 -6.32
C LEU A 353 -19.22 -33.81 -6.85
N ALA A 354 -18.75 -35.05 -7.01
CA ALA A 354 -19.58 -36.12 -7.57
C ALA A 354 -20.41 -36.84 -6.51
N GLY A 355 -20.26 -36.44 -5.26
CA GLY A 355 -21.00 -37.05 -4.17
C GLY A 355 -20.35 -38.32 -3.63
N ARG A 356 -19.11 -38.57 -4.03
CA ARG A 356 -18.39 -39.80 -3.69
C ARG A 356 -17.68 -39.75 -2.33
N ILE A 357 -17.23 -38.56 -1.93
CA ILE A 357 -16.60 -38.40 -0.61
C ILE A 357 -17.11 -37.15 0.10
N GLY A 358 -16.87 -37.06 1.40
CA GLY A 358 -17.21 -35.87 2.16
C GLY A 358 -16.17 -34.76 2.03
N PHE A 359 -16.59 -33.54 2.36
CA PHE A 359 -15.72 -32.37 2.27
C PHE A 359 -14.38 -32.48 2.99
N PRO A 360 -14.34 -32.97 4.24
CA PRO A 360 -13.03 -33.06 4.92
C PRO A 360 -12.07 -34.05 4.27
N ALA A 361 -12.59 -34.96 3.45
CA ALA A 361 -11.76 -35.99 2.84
C ALA A 361 -10.90 -35.45 1.69
N ILE A 362 -11.22 -34.24 1.22
CA ILE A 362 -10.43 -33.61 0.16
C ILE A 362 -8.99 -33.41 0.62
N VAL A 363 -8.82 -32.74 1.75
CA VAL A 363 -7.48 -32.44 2.25
C VAL A 363 -6.87 -33.69 2.92
N GLY A 364 -7.72 -34.57 3.44
CA GLY A 364 -7.21 -35.82 3.99
C GLY A 364 -6.49 -36.63 2.92
N ILE A 365 -7.09 -36.74 1.75
CA ILE A 365 -6.51 -37.46 0.63
C ILE A 365 -5.21 -36.81 0.12
N ILE A 366 -5.21 -35.48 0.02
CA ILE A 366 -4.01 -34.73 -0.33
C ILE A 366 -2.84 -35.08 0.61
N ALA A 367 -3.12 -35.05 1.91
CA ALA A 367 -2.16 -35.47 2.95
C ALA A 367 -1.68 -36.90 2.76
N ASP A 368 -2.62 -37.80 2.53
CA ASP A 368 -2.27 -39.21 2.32
C ASP A 368 -1.36 -39.41 1.10
N VAL A 369 -1.71 -38.78 -0.01
CA VAL A 369 -0.93 -38.89 -1.25
C VAL A 369 0.47 -38.27 -1.10
N LEU A 370 0.53 -37.10 -0.48
CA LEU A 370 1.79 -36.41 -0.18
C LEU A 370 2.71 -37.27 0.70
N HIS A 371 2.13 -37.88 1.72
CA HIS A 371 2.87 -38.76 2.60
C HIS A 371 3.57 -39.92 1.88
N ALA A 372 3.00 -40.37 0.76
CA ALA A 372 3.60 -41.47 0.01
C ALA A 372 4.47 -41.00 -1.15
N ALA A 373 4.61 -39.69 -1.32
CA ALA A 373 5.19 -39.14 -2.54
C ALA A 373 6.70 -38.94 -2.50
N ASP A 374 7.40 -39.78 -1.73
CA ASP A 374 8.86 -39.70 -1.57
C ASP A 374 9.64 -39.52 -2.88
N GLN A 375 9.28 -40.29 -3.89
CA GLN A 375 9.97 -40.27 -5.18
C GLN A 375 9.96 -38.88 -5.85
N TRP A 376 8.98 -38.05 -5.50
CA TRP A 376 8.71 -36.85 -6.30
C TRP A 376 9.37 -35.55 -5.84
N ALA A 377 10.30 -35.66 -4.90
CA ALA A 377 11.09 -34.50 -4.49
C ALA A 377 12.14 -34.13 -5.56
N VAL A 378 12.33 -35.00 -6.54
CA VAL A 378 13.28 -34.74 -7.63
C VAL A 378 12.89 -33.53 -8.45
N GLU A 379 13.89 -32.80 -8.94
CA GLU A 379 13.62 -31.64 -9.78
C GLU A 379 13.20 -32.14 -11.14
N PRO A 380 12.08 -31.65 -11.66
CA PRO A 380 11.69 -32.03 -13.02
C PRO A 380 12.71 -31.51 -14.03
N ALA A 381 13.12 -32.34 -14.98
CA ALA A 381 14.06 -31.89 -16.00
C ALA A 381 13.31 -31.67 -17.30
N THR A 382 12.26 -32.46 -17.52
CA THR A 382 11.39 -32.24 -18.67
C THR A 382 9.96 -32.16 -18.22
N VAL A 383 9.11 -31.73 -19.12
CA VAL A 383 7.69 -31.72 -18.87
C VAL A 383 7.15 -33.12 -18.53
N ASP A 384 7.84 -34.16 -19.02
CA ASP A 384 7.45 -35.54 -18.73
C ASP A 384 7.64 -35.93 -17.27
N ASP A 385 8.60 -35.30 -16.59
CA ASP A 385 8.82 -35.55 -15.17
C ASP A 385 7.61 -35.10 -14.38
N VAL A 386 7.04 -33.98 -14.79
CA VAL A 386 5.91 -33.38 -14.10
C VAL A 386 4.66 -34.19 -14.35
N LEU A 387 4.48 -34.59 -15.60
CA LEU A 387 3.36 -35.44 -15.98
C LEU A 387 3.43 -36.79 -15.24
N ASP A 388 4.64 -37.33 -15.09
CA ASP A 388 4.85 -38.59 -14.38
C ASP A 388 4.38 -38.48 -12.95
N ALA A 389 4.79 -37.40 -12.27
CA ALA A 389 4.39 -37.14 -10.89
C ALA A 389 2.87 -36.94 -10.76
N GLN A 390 2.29 -36.16 -11.65
CA GLN A 390 0.85 -35.96 -11.66
C GLN A 390 0.09 -37.27 -11.92
N ARG A 391 0.58 -38.07 -12.86
CA ARG A 391 -0.03 -39.37 -13.18
C ARG A 391 -0.07 -40.23 -11.94
N TRP A 392 1.09 -40.37 -11.30
CA TRP A 392 1.21 -41.13 -10.06
C TRP A 392 0.24 -40.60 -9.00
N ALA A 393 0.25 -39.28 -8.77
CA ALA A 393 -0.59 -38.68 -7.75
C ALA A 393 -2.10 -38.90 -8.00
N ARG A 394 -2.51 -38.80 -9.26
CA ARG A 394 -3.92 -39.01 -9.58
C ARG A 394 -4.33 -40.43 -9.23
N GLU A 395 -3.55 -41.40 -9.70
CA GLU A 395 -3.83 -42.81 -9.40
C GLU A 395 -3.83 -43.06 -7.90
N ARG A 396 -2.85 -42.48 -7.22
CA ARG A 396 -2.73 -42.68 -5.79
C ARG A 396 -3.94 -42.07 -5.06
N ALA A 397 -4.48 -41.00 -5.62
CA ALA A 397 -5.65 -40.35 -5.01
C ALA A 397 -6.91 -41.18 -5.24
N GLN A 398 -7.01 -41.80 -6.42
CA GLN A 398 -8.10 -42.72 -6.71
C GLN A 398 -8.03 -43.91 -5.75
N ARG A 399 -6.81 -44.37 -5.51
CA ARG A 399 -6.61 -45.46 -4.56
C ARG A 399 -7.14 -45.10 -3.17
N ALA A 400 -6.89 -43.87 -2.72
CA ALA A 400 -7.39 -43.42 -1.41
C ALA A 400 -8.90 -43.23 -1.42
N VAL A 401 -9.46 -42.81 -2.54
CA VAL A 401 -10.91 -42.70 -2.65
C VAL A 401 -11.51 -44.10 -2.53
N SER A 402 -10.83 -45.09 -3.10
CA SER A 402 -11.26 -46.50 -3.04
C SER A 402 -11.41 -46.99 -1.62
N GLY A 403 -10.49 -46.59 -0.75
CA GLY A 403 -10.47 -47.09 0.60
C GLY A 403 -11.34 -46.33 1.58
N MET A 404 -12.36 -45.65 1.07
CA MET A 404 -13.28 -44.89 1.91
C MET A 404 -14.60 -44.68 1.20
N GLY B 26 26.35 4.15 3.03
CA GLY B 26 27.39 4.65 3.91
C GLY B 26 26.82 5.44 5.07
N ARG B 27 27.68 6.15 5.80
CA ARG B 27 27.22 6.92 6.94
C ARG B 27 26.79 8.34 6.56
N LEU B 28 25.56 8.70 6.89
CA LEU B 28 25.03 10.01 6.56
C LEU B 28 25.28 11.04 7.67
N ARG B 29 25.76 12.21 7.28
CA ARG B 29 25.99 13.29 8.23
C ARG B 29 24.70 14.10 8.47
N VAL B 30 24.28 14.15 9.73
CA VAL B 30 22.98 14.67 10.13
C VAL B 30 23.11 15.87 11.07
N VAL B 31 22.49 16.98 10.68
CA VAL B 31 22.26 18.12 11.55
C VAL B 31 20.83 18.01 12.08
N VAL B 32 20.68 17.97 13.40
CA VAL B 32 19.35 17.87 14.01
C VAL B 32 18.90 19.20 14.59
N LEU B 33 17.94 19.85 13.92
CA LEU B 33 17.42 21.14 14.40
C LEU B 33 16.15 20.92 15.21
N GLY B 34 16.08 21.50 16.41
CA GLY B 34 15.00 21.21 17.32
C GLY B 34 15.33 19.93 18.05
N SER B 35 16.58 19.81 18.49
CA SER B 35 17.06 18.55 19.07
C SER B 35 16.35 18.11 20.36
N THR B 36 15.80 19.09 21.09
CA THR B 36 15.25 18.85 22.42
C THR B 36 13.74 18.71 22.37
N GLY B 37 13.16 18.75 21.18
CA GLY B 37 11.73 18.56 21.04
C GLY B 37 11.34 17.10 20.92
N SER B 38 10.08 16.84 20.62
CA SER B 38 9.59 15.46 20.54
C SER B 38 10.18 14.70 19.34
N ILE B 39 10.05 15.30 18.15
CA ILE B 39 10.62 14.73 16.93
C ILE B 39 12.15 14.62 17.00
N GLY B 40 12.81 15.69 17.46
CA GLY B 40 14.26 15.69 17.52
C GLY B 40 14.85 14.62 18.44
N THR B 41 14.19 14.35 19.56
CA THR B 41 14.73 13.36 20.49
C THR B 41 14.47 11.93 20.01
N GLN B 42 13.35 11.75 19.32
CA GLN B 42 13.06 10.45 18.72
C GLN B 42 14.04 10.16 17.60
N ALA B 43 14.46 11.20 16.88
CA ALA B 43 15.42 11.04 15.80
C ALA B 43 16.78 10.63 16.31
N LEU B 44 17.20 11.20 17.44
CA LEU B 44 18.45 10.83 18.07
C LEU B 44 18.41 9.41 18.63
N GLN B 45 17.23 8.97 19.09
CA GLN B 45 17.04 7.55 19.42
C GLN B 45 17.37 6.69 18.21
N VAL B 46 16.71 6.98 17.09
CA VAL B 46 16.95 6.26 15.83
C VAL B 46 18.42 6.28 15.44
N ILE B 47 19.05 7.45 15.60
CA ILE B 47 20.45 7.63 15.23
C ILE B 47 21.43 6.88 16.15
N ALA B 48 21.14 6.87 17.45
CA ALA B 48 21.97 6.15 18.42
C ALA B 48 21.91 4.65 18.11
N ASP B 49 20.71 4.19 17.74
CA ASP B 49 20.47 2.80 17.41
C ASP B 49 21.08 2.40 16.07
N ASN B 50 21.47 3.38 15.26
CA ASN B 50 22.05 3.07 13.94
C ASN B 50 23.30 3.85 13.61
N PRO B 51 24.38 3.61 14.36
CA PRO B 51 25.63 4.37 14.14
C PRO B 51 26.27 3.99 12.81
N ASP B 52 25.84 2.88 12.24
CA ASP B 52 26.31 2.45 10.92
C ASP B 52 25.83 3.41 9.85
N ARG B 53 24.65 3.98 10.07
CA ARG B 53 23.96 4.66 9.00
C ARG B 53 23.94 6.17 9.22
N PHE B 54 23.99 6.58 10.47
CA PHE B 54 23.87 8.01 10.76
C PHE B 54 24.95 8.49 11.71
N GLU B 55 25.38 9.74 11.51
CA GLU B 55 26.26 10.42 12.45
C GLU B 55 25.75 11.86 12.67
N VAL B 56 25.52 12.23 13.94
CA VAL B 56 25.17 13.61 14.26
C VAL B 56 26.41 14.50 14.15
N VAL B 57 26.29 15.60 13.42
CA VAL B 57 27.37 16.57 13.34
C VAL B 57 26.88 17.96 13.75
N GLY B 58 25.62 18.07 14.13
CA GLY B 58 25.07 19.33 14.58
C GLY B 58 23.80 19.21 15.37
N LEU B 59 23.65 20.07 16.37
CA LEU B 59 22.42 20.14 17.15
C LEU B 59 22.03 21.61 17.33
N ALA B 60 20.74 21.91 17.25
CA ALA B 60 20.25 23.24 17.56
C ALA B 60 18.94 23.15 18.33
N ALA B 61 18.79 24.06 19.30
CA ALA B 61 17.58 24.15 20.10
C ALA B 61 17.22 25.59 20.35
N GLY B 62 16.05 25.82 20.91
CA GLY B 62 15.57 27.16 21.16
C GLY B 62 16.17 27.81 22.39
N GLY B 63 16.36 27.03 23.45
CA GLY B 63 16.93 27.54 24.68
C GLY B 63 16.10 27.19 25.90
N ALA B 64 14.82 26.91 25.69
CA ALA B 64 13.93 26.58 26.80
C ALA B 64 14.29 25.25 27.49
N HIS B 65 15.01 24.37 26.80
CA HIS B 65 15.41 23.09 27.39
C HIS B 65 16.90 22.94 27.24
N LEU B 66 17.58 24.02 27.59
CA LEU B 66 19.04 24.11 27.55
C LEU B 66 19.74 22.94 28.21
N ASP B 67 19.21 22.47 29.33
CA ASP B 67 19.86 21.41 30.09
C ASP B 67 19.89 20.10 29.30
N THR B 68 18.83 19.84 28.54
CA THR B 68 18.78 18.69 27.65
C THR B 68 19.79 18.82 26.52
N LEU B 69 19.93 20.01 25.96
CA LEU B 69 20.92 20.24 24.91
C LEU B 69 22.35 20.01 25.40
N LEU B 70 22.62 20.37 26.65
CA LEU B 70 23.96 20.20 27.21
C LEU B 70 24.24 18.74 27.53
N ARG B 71 23.23 18.03 28.01
CA ARG B 71 23.34 16.58 28.16
C ARG B 71 23.59 15.90 26.81
N GLN B 72 22.84 16.32 25.79
CA GLN B 72 23.07 15.83 24.42
C GLN B 72 24.46 16.14 23.89
N ARG B 73 24.97 17.36 24.14
CA ARG B 73 26.36 17.65 23.79
C ARG B 73 27.27 16.63 24.44
N ALA B 74 27.06 16.40 25.74
CA ALA B 74 27.90 15.51 26.51
C ALA B 74 27.81 14.07 26.03
N GLN B 75 26.61 13.60 25.71
CA GLN B 75 26.47 12.18 25.37
C GLN B 75 26.79 11.82 23.93
N THR B 76 26.72 12.79 23.01
CA THR B 76 27.07 12.52 21.63
C THR B 76 28.47 13.04 21.31
N GLY B 77 29.00 13.90 22.16
CA GLY B 77 30.28 14.52 21.88
C GLY B 77 30.22 15.56 20.78
N VAL B 78 29.03 15.97 20.37
CA VAL B 78 28.93 17.02 19.36
C VAL B 78 29.03 18.39 20.02
N THR B 79 30.10 19.13 19.69
CA THR B 79 30.31 20.49 20.17
C THR B 79 29.72 21.50 19.20
N ASN B 80 29.47 21.05 17.97
CA ASN B 80 28.87 21.90 16.97
C ASN B 80 27.40 22.10 17.28
N ILE B 81 27.11 23.05 18.17
CA ILE B 81 25.73 23.22 18.62
C ILE B 81 25.25 24.67 18.55
N ALA B 82 23.95 24.85 18.41
CA ALA B 82 23.38 26.19 18.32
C ALA B 82 22.23 26.37 19.29
N VAL B 83 22.10 27.60 19.79
CA VAL B 83 21.02 27.99 20.71
C VAL B 83 20.41 29.30 20.26
N ALA B 84 19.11 29.27 19.98
CA ALA B 84 18.44 30.42 19.38
C ALA B 84 18.36 31.61 20.33
N ASP B 85 18.11 31.33 21.59
CA ASP B 85 17.92 32.40 22.55
C ASP B 85 19.24 32.83 23.18
N GLU B 86 19.69 34.02 22.77
CA GLU B 86 20.90 34.65 23.29
C GLU B 86 20.85 34.77 24.80
N HIS B 87 19.68 35.13 25.29
CA HIS B 87 19.47 35.25 26.72
C HIS B 87 19.71 33.91 27.43
N ALA B 88 19.20 32.81 26.87
CA ALA B 88 19.47 31.48 27.43
C ALA B 88 20.91 31.00 27.17
N ALA B 89 21.49 31.43 26.07
CA ALA B 89 22.88 31.09 25.75
C ALA B 89 23.85 31.69 26.76
N GLN B 90 23.34 32.65 27.52
CA GLN B 90 24.11 33.36 28.54
C GLN B 90 24.54 32.40 29.63
N ARG B 91 23.73 31.36 29.83
CA ARG B 91 23.97 30.39 30.89
C ARG B 91 25.11 29.38 30.58
N VAL B 92 25.66 29.40 29.38
CA VAL B 92 26.58 28.31 28.99
C VAL B 92 28.01 28.71 28.63
N GLY B 93 28.18 29.70 27.76
CA GLY B 93 29.51 30.24 27.52
C GLY B 93 30.42 29.65 26.44
N ASP B 94 30.13 28.42 25.99
CA ASP B 94 30.91 27.80 24.91
C ASP B 94 30.05 27.24 23.79
N ILE B 95 29.01 27.98 23.42
CA ILE B 95 28.17 27.64 22.29
C ILE B 95 28.75 28.35 21.08
N PRO B 96 29.15 27.61 20.05
CA PRO B 96 29.67 28.31 18.87
C PRO B 96 28.59 29.13 18.16
N TYR B 97 27.33 28.70 18.19
CA TYR B 97 26.25 29.49 17.55
C TYR B 97 25.14 29.89 18.52
N HIS B 98 24.93 31.20 18.66
CA HIS B 98 23.89 31.68 19.57
C HIS B 98 23.20 32.95 19.06
N GLY B 99 21.95 33.14 19.46
CA GLY B 99 21.17 34.26 18.98
C GLY B 99 20.15 33.92 17.91
N SER B 100 19.50 34.96 17.40
CA SER B 100 18.32 34.83 16.57
C SER B 100 18.54 34.00 15.30
N ASP B 101 19.74 34.08 14.73
CA ASP B 101 19.97 33.37 13.48
C ASP B 101 20.90 32.16 13.63
N ALA B 102 21.04 31.66 14.86
CA ALA B 102 22.03 30.63 15.16
C ALA B 102 21.84 29.30 14.41
N ALA B 103 20.59 28.83 14.31
CA ALA B 103 20.28 27.56 13.64
C ALA B 103 20.63 27.66 12.16
N THR B 104 20.20 28.77 11.56
CA THR B 104 20.54 29.12 10.19
C THR B 104 22.06 29.12 9.96
N ARG B 105 22.80 29.78 10.84
CA ARG B 105 24.24 29.89 10.67
C ARG B 105 24.92 28.54 10.86
N LEU B 106 24.37 27.73 11.76
CA LEU B 106 24.93 26.40 11.95
C LEU B 106 24.69 25.56 10.70
N VAL B 107 23.52 25.71 10.09
CA VAL B 107 23.23 24.99 8.87
C VAL B 107 24.17 25.46 7.76
N GLU B 108 24.30 26.78 7.62
CA GLU B 108 25.21 27.34 6.61
C GLU B 108 26.65 26.88 6.79
N GLN B 109 27.10 26.77 8.02
CA GLN B 109 28.50 26.54 8.27
C GLN B 109 28.89 25.08 8.53
N THR B 110 27.93 24.16 8.44
CA THR B 110 28.22 22.76 8.73
C THR B 110 28.05 21.86 7.50
N GLU B 111 29.05 21.06 7.21
CA GLU B 111 28.97 20.07 6.15
C GLU B 111 28.05 18.94 6.58
N ALA B 112 26.97 18.74 5.85
CA ALA B 112 26.01 17.70 6.19
C ALA B 112 25.41 17.03 4.94
N ASP B 113 24.85 15.85 5.12
CA ASP B 113 24.09 15.21 4.06
C ASP B 113 22.59 15.43 4.30
N VAL B 114 22.17 15.38 5.56
CA VAL B 114 20.76 15.54 5.91
C VAL B 114 20.56 16.58 7.02
N VAL B 115 19.64 17.51 6.78
CA VAL B 115 19.21 18.41 7.83
C VAL B 115 17.79 18.05 8.27
N LEU B 116 17.64 17.70 9.53
CA LEU B 116 16.32 17.43 10.09
C LEU B 116 15.81 18.71 10.70
N ASN B 117 14.82 19.31 10.06
CA ASN B 117 14.21 20.48 10.65
C ASN B 117 13.00 20.13 11.50
N ALA B 118 13.25 19.96 12.80
CA ALA B 118 12.21 19.74 13.79
C ALA B 118 11.98 20.97 14.67
N LEU B 119 12.19 22.17 14.11
CA LEU B 119 11.90 23.39 14.85
C LEU B 119 10.40 23.65 14.88
N VAL B 120 9.97 24.43 15.86
CA VAL B 120 8.56 24.79 16.01
C VAL B 120 8.34 26.23 15.56
N GLY B 121 7.24 26.48 14.85
CA GLY B 121 6.87 27.81 14.46
C GLY B 121 7.60 28.33 13.23
N ALA B 122 7.23 29.54 12.81
CA ALA B 122 7.78 30.13 11.60
C ALA B 122 9.29 30.38 11.69
N LEU B 123 9.84 30.29 12.88
CA LEU B 123 11.27 30.36 13.04
C LEU B 123 12.00 29.17 12.40
N GLY B 124 11.25 28.13 12.04
CA GLY B 124 11.82 27.01 11.31
C GLY B 124 11.99 27.34 9.84
N LEU B 125 11.28 28.36 9.38
CA LEU B 125 11.29 28.70 7.96
C LEU B 125 12.69 29.03 7.43
N ARG B 126 13.36 30.01 8.03
CA ARG B 126 14.70 30.38 7.56
C ARG B 126 15.74 29.23 7.56
N PRO B 127 15.83 28.43 8.64
CA PRO B 127 16.74 27.27 8.59
C PRO B 127 16.37 26.27 7.49
N THR B 128 15.09 26.14 7.18
CA THR B 128 14.69 25.35 6.03
C THR B 128 15.30 25.91 4.73
N LEU B 129 15.23 27.23 4.55
CA LEU B 129 15.75 27.84 3.33
C LEU B 129 17.26 27.64 3.21
N ALA B 130 17.97 27.85 4.32
CA ALA B 130 19.40 27.62 4.39
C ALA B 130 19.77 26.17 4.12
N ALA B 131 18.96 25.24 4.63
CA ALA B 131 19.18 23.82 4.33
C ALA B 131 19.04 23.56 2.83
N LEU B 132 17.95 24.03 2.23
CA LEU B 132 17.75 23.86 0.79
C LEU B 132 18.92 24.42 -0.01
N LYS B 133 19.37 25.64 0.33
CA LYS B 133 20.51 26.27 -0.35
C LYS B 133 21.83 25.50 -0.28
N THR B 134 22.13 24.87 0.86
CA THR B 134 23.34 24.05 0.97
C THR B 134 23.33 22.83 0.05
N GLY B 135 22.15 22.44 -0.42
CA GLY B 135 22.03 21.26 -1.26
C GLY B 135 21.85 19.96 -0.48
N ALA B 136 21.86 20.07 0.84
CA ALA B 136 21.63 18.91 1.68
C ALA B 136 20.18 18.47 1.54
N ARG B 137 19.92 17.21 1.88
N ARG B 137 19.93 17.22 1.89
CA ARG B 137 18.56 16.69 1.92
CA ARG B 137 18.57 16.70 1.93
C ARG B 137 17.87 17.21 3.18
C ARG B 137 17.88 17.26 3.18
N LEU B 138 16.62 17.63 3.05
CA LEU B 138 15.90 18.20 4.19
C LEU B 138 14.80 17.29 4.69
N ALA B 139 15.02 16.69 5.85
CA ALA B 139 13.95 15.96 6.52
C ALA B 139 13.10 16.98 7.27
N LEU B 140 11.92 17.29 6.75
CA LEU B 140 11.13 18.41 7.25
C LEU B 140 10.06 17.98 8.26
N ALA B 141 10.13 18.50 9.48
CA ALA B 141 9.07 18.26 10.45
C ALA B 141 8.29 19.54 10.68
N ASN B 142 9.02 20.66 10.64
CA ASN B 142 8.48 22.01 10.83
C ASN B 142 7.30 22.31 9.90
N LYS B 143 6.12 22.42 10.47
CA LYS B 143 4.89 22.61 9.69
C LYS B 143 4.85 23.92 8.89
N GLU B 144 5.24 25.02 9.52
CA GLU B 144 5.03 26.32 8.90
C GLU B 144 5.98 26.62 7.74
N SER B 145 7.05 25.85 7.64
CA SER B 145 7.93 25.93 6.48
C SER B 145 7.11 25.86 5.19
N LEU B 146 6.23 24.87 5.10
CA LEU B 146 5.43 24.72 3.90
C LEU B 146 4.12 25.49 4.02
N VAL B 147 3.45 25.33 5.16
CA VAL B 147 2.12 25.91 5.36
C VAL B 147 2.17 27.42 5.28
N ALA B 148 3.25 28.02 5.79
CA ALA B 148 3.40 29.47 5.73
C ALA B 148 4.40 29.91 4.67
N GLY B 149 5.53 29.21 4.60
CA GLY B 149 6.57 29.53 3.65
C GLY B 149 6.24 29.19 2.22
N GLY B 150 5.29 28.28 2.01
CA GLY B 150 4.75 27.97 0.69
C GLY B 150 5.65 28.08 -0.53
N SER B 151 5.42 29.12 -1.34
CA SER B 151 6.12 29.25 -2.60
C SER B 151 7.60 29.57 -2.41
N LEU B 152 7.96 30.22 -1.29
CA LEU B 152 9.36 30.43 -0.94
C LEU B 152 10.11 29.11 -0.84
N VAL B 153 9.48 28.12 -0.24
CA VAL B 153 10.14 26.85 -0.03
C VAL B 153 10.20 26.07 -1.34
N LEU B 154 9.12 26.08 -2.08
CA LEU B 154 9.09 25.43 -3.39
C LEU B 154 10.11 26.02 -4.38
N ARG B 155 10.21 27.35 -4.48
CA ARG B 155 11.21 27.96 -5.39
C ARG B 155 12.61 27.50 -5.00
N ALA B 156 12.85 27.36 -3.70
CA ALA B 156 14.17 27.04 -3.17
C ALA B 156 14.48 25.54 -3.14
N ALA B 157 13.45 24.71 -3.16
CA ALA B 157 13.68 23.27 -3.11
C ALA B 157 13.81 22.65 -4.52
N ARG B 158 14.62 21.62 -4.62
CA ARG B 158 14.69 20.83 -5.85
C ARG B 158 14.04 19.46 -5.61
N PRO B 159 13.62 18.79 -6.69
CA PRO B 159 12.89 17.53 -6.48
C PRO B 159 13.64 16.48 -5.64
N GLY B 160 12.88 15.79 -4.80
CA GLY B 160 13.45 14.78 -3.94
C GLY B 160 14.27 15.34 -2.79
N GLN B 161 14.34 16.66 -2.68
CA GLN B 161 15.21 17.24 -1.65
C GLN B 161 14.53 17.26 -0.30
N ILE B 162 13.25 17.60 -0.31
CA ILE B 162 12.45 17.57 0.91
C ILE B 162 11.88 16.17 1.11
N VAL B 163 12.15 15.58 2.27
CA VAL B 163 11.51 14.33 2.65
C VAL B 163 10.71 14.58 3.92
N PRO B 164 9.40 14.34 3.86
CA PRO B 164 8.50 14.72 4.96
C PRO B 164 8.58 13.76 6.13
N VAL B 165 8.51 14.30 7.35
CA VAL B 165 8.63 13.50 8.55
C VAL B 165 7.24 13.07 9.06
N ASP B 166 6.20 13.85 8.75
CA ASP B 166 4.86 13.56 9.23
C ASP B 166 4.43 12.17 8.74
N SER B 167 3.65 11.45 9.54
CA SER B 167 3.32 10.06 9.22
C SER B 167 2.41 9.94 7.99
N GLU B 168 1.48 10.88 7.84
CA GLU B 168 0.63 10.90 6.65
C GLU B 168 1.48 11.09 5.37
N HIS B 169 2.33 12.10 5.40
CA HIS B 169 3.13 12.44 4.23
C HIS B 169 4.16 11.36 3.93
N SER B 170 4.77 10.81 4.98
CA SER B 170 5.67 9.67 4.84
C SER B 170 4.96 8.50 4.15
N ALA B 171 3.73 8.20 4.62
CA ALA B 171 2.90 7.16 4.03
C ALA B 171 2.67 7.42 2.55
N LEU B 172 2.38 8.67 2.22
CA LEU B 172 2.05 9.04 0.86
C LEU B 172 3.23 8.82 -0.07
N ALA B 173 4.42 9.22 0.38
CA ALA B 173 5.65 9.04 -0.40
C ALA B 173 5.94 7.56 -0.66
N GLN B 174 5.64 6.72 0.32
CA GLN B 174 5.81 5.28 0.16
C GLN B 174 4.83 4.72 -0.85
N CYS B 175 3.55 5.02 -0.67
CA CYS B 175 2.51 4.58 -1.57
C CYS B 175 2.69 5.07 -3.02
N LEU B 176 3.31 6.24 -3.19
CA LEU B 176 3.52 6.78 -4.53
C LEU B 176 4.50 5.95 -5.36
N ARG B 177 5.28 5.09 -4.70
CA ARG B 177 6.13 4.13 -5.39
C ARG B 177 5.28 3.10 -6.16
N GLY B 178 3.98 3.07 -5.90
CA GLY B 178 3.07 2.15 -6.55
C GLY B 178 2.65 2.54 -7.95
N GLY B 179 3.14 3.68 -8.44
CA GLY B 179 2.91 4.07 -9.81
C GLY B 179 3.69 5.31 -10.22
N THR B 180 3.42 5.79 -11.42
CA THR B 180 4.00 7.04 -11.87
C THR B 180 3.08 8.18 -11.42
N PRO B 181 3.60 9.43 -11.41
CA PRO B 181 2.78 10.60 -11.11
C PRO B 181 1.54 10.68 -11.98
N ASP B 182 1.66 10.32 -13.26
CA ASP B 182 0.53 10.40 -14.18
C ASP B 182 -0.59 9.39 -13.83
N GLU B 183 -0.25 8.38 -13.04
CA GLU B 183 -1.22 7.34 -12.69
C GLU B 183 -1.97 7.63 -11.39
N VAL B 184 -1.70 8.77 -10.76
CA VAL B 184 -2.35 9.05 -9.49
C VAL B 184 -3.74 9.62 -9.72
N ALA B 185 -4.74 8.99 -9.13
CA ALA B 185 -6.08 9.55 -9.20
C ALA B 185 -6.34 10.40 -7.97
N LYS B 186 -6.03 9.87 -6.79
CA LYS B 186 -6.31 10.57 -5.55
C LYS B 186 -5.27 10.30 -4.48
N LEU B 187 -5.08 11.28 -3.60
CA LEU B 187 -4.38 11.06 -2.34
C LEU B 187 -5.41 11.06 -1.20
N VAL B 188 -5.33 10.06 -0.33
CA VAL B 188 -6.30 9.93 0.75
C VAL B 188 -5.54 9.93 2.06
N LEU B 189 -5.74 10.99 2.84
CA LEU B 189 -5.15 11.08 4.17
C LEU B 189 -6.13 10.47 5.16
N THR B 190 -5.62 9.67 6.09
CA THR B 190 -6.44 9.19 7.18
C THR B 190 -6.41 10.16 8.36
N ALA B 191 -7.50 10.20 9.11
CA ALA B 191 -7.62 11.06 10.30
C ALA B 191 -8.20 10.27 11.45
N SER B 192 -7.62 10.42 12.64
CA SER B 192 -8.10 9.69 13.81
C SER B 192 -9.52 10.14 14.14
N GLY B 193 -9.83 11.40 13.84
CA GLY B 193 -11.16 11.92 14.07
C GLY B 193 -11.20 12.79 15.31
N GLY B 194 -10.17 12.67 16.14
CA GLY B 194 -10.08 13.46 17.34
C GLY B 194 -11.05 12.95 18.37
N PRO B 195 -11.07 13.57 19.55
CA PRO B 195 -11.99 13.10 20.61
C PRO B 195 -13.48 13.25 20.25
N PHE B 196 -13.82 14.11 19.29
CA PHE B 196 -15.25 14.35 18.99
C PHE B 196 -15.71 13.73 17.67
N ARG B 197 -14.99 12.68 17.25
CA ARG B 197 -15.35 11.92 16.07
C ARG B 197 -16.81 11.50 16.17
N GLY B 198 -17.58 11.81 15.13
CA GLY B 198 -18.96 11.38 15.08
C GLY B 198 -19.92 12.23 15.88
N TRP B 199 -19.39 13.27 16.53
CA TRP B 199 -20.26 14.13 17.31
C TRP B 199 -21.12 14.98 16.41
N SER B 200 -22.34 15.26 16.88
CA SER B 200 -23.24 16.20 16.24
C SER B 200 -22.73 17.60 16.52
N ALA B 201 -23.17 18.54 15.68
CA ALA B 201 -22.86 19.96 15.87
C ALA B 201 -23.42 20.50 17.18
N ALA B 202 -24.57 19.98 17.59
CA ALA B 202 -25.17 20.34 18.87
C ALA B 202 -24.21 19.98 20.00
N ASP B 203 -23.70 18.75 19.98
CA ASP B 203 -22.73 18.30 20.98
C ASP B 203 -21.49 19.19 21.02
N LEU B 204 -21.04 19.65 19.85
CA LEU B 204 -19.81 20.43 19.75
C LEU B 204 -19.93 21.82 20.39
N GLU B 205 -21.18 22.29 20.51
CA GLU B 205 -21.46 23.61 21.07
C GLU B 205 -20.95 23.78 22.49
N HIS B 206 -20.89 22.70 23.25
CA HIS B 206 -20.57 22.79 24.66
C HIS B 206 -19.18 22.24 24.99
N VAL B 207 -18.39 21.96 23.96
CA VAL B 207 -17.04 21.44 24.18
C VAL B 207 -16.13 22.42 24.96
N THR B 208 -15.46 21.87 25.97
CA THR B 208 -14.54 22.62 26.82
C THR B 208 -13.13 22.26 26.43
N PRO B 209 -12.15 23.11 26.78
CA PRO B 209 -10.74 22.85 26.48
C PRO B 209 -10.26 21.49 26.99
N GLU B 210 -10.66 21.13 28.20
CA GLU B 210 -10.20 19.88 28.81
C GLU B 210 -10.73 18.64 28.07
N GLN B 211 -11.95 18.73 27.55
CA GLN B 211 -12.53 17.65 26.74
C GLN B 211 -11.75 17.45 25.43
N ALA B 212 -11.21 18.53 24.90
CA ALA B 212 -10.51 18.50 23.61
C ALA B 212 -9.00 18.25 23.75
N GLY B 213 -8.60 17.76 24.92
CA GLY B 213 -7.18 17.65 25.23
C GLY B 213 -6.72 18.83 26.07
N ALA B 214 -5.77 19.60 25.54
CA ALA B 214 -5.19 20.77 26.23
C ALA B 214 -4.43 20.41 27.51
N THR B 217 0.56 18.83 28.60
CA THR B 217 1.32 17.59 28.47
C THR B 217 2.82 17.86 28.31
N TRP B 218 3.65 16.91 28.75
CA TRP B 218 5.10 17.08 28.77
C TRP B 218 5.76 17.13 27.38
N SER B 219 4.96 17.03 26.32
CA SER B 219 5.48 16.88 24.96
C SER B 219 4.51 17.43 23.90
N MET B 220 4.17 16.57 22.94
CA MET B 220 3.18 16.92 21.92
C MET B 220 1.80 17.01 22.56
N GLY B 221 1.52 18.17 23.15
CA GLY B 221 0.26 18.40 23.83
C GLY B 221 -0.56 19.59 23.36
N PRO B 222 -0.36 20.75 24.00
CA PRO B 222 -1.04 22.05 23.92
C PRO B 222 -1.82 22.25 22.62
N MET B 223 -1.17 22.93 21.69
CA MET B 223 -1.76 23.26 20.39
C MET B 223 -2.06 22.03 19.53
N ASN B 224 -1.31 20.95 19.76
CA ASN B 224 -1.42 19.75 18.95
C ASN B 224 -2.76 19.02 19.07
N THR B 225 -3.17 18.75 20.31
CA THR B 225 -4.41 18.02 20.54
C THR B 225 -5.62 18.83 20.07
N LEU B 226 -5.52 20.14 20.21
CA LEU B 226 -6.60 21.04 19.81
C LEU B 226 -6.80 21.01 18.30
N ASN B 227 -5.71 21.06 17.54
CA ASN B 227 -5.78 20.97 16.08
C ASN B 227 -6.34 19.65 15.55
N SER B 228 -6.14 18.56 16.28
CA SER B 228 -6.67 17.26 15.85
C SER B 228 -8.08 17.01 16.36
N ALA B 229 -8.46 17.71 17.42
CA ALA B 229 -9.84 17.71 17.88
C ALA B 229 -10.68 18.52 16.91
N SER B 230 -10.06 19.54 16.33
CA SER B 230 -10.75 20.48 15.44
C SER B 230 -10.58 20.13 13.98
N LEU B 231 -9.67 19.19 13.72
CA LEU B 231 -9.26 18.79 12.38
C LEU B 231 -8.56 19.86 11.55
N VAL B 232 -8.13 20.94 12.22
CA VAL B 232 -7.26 21.92 11.58
C VAL B 232 -5.92 21.27 11.23
N ASN B 233 -5.50 20.33 12.09
CA ASN B 233 -4.29 19.54 11.82
C ASN B 233 -4.38 18.83 10.47
N LYS B 234 -5.54 18.22 10.20
CA LYS B 234 -5.79 17.60 8.91
C LYS B 234 -5.76 18.64 7.78
N GLY B 235 -6.42 19.78 8.02
CA GLY B 235 -6.39 20.86 7.06
C GLY B 235 -4.96 21.26 6.72
N LEU B 236 -4.14 21.46 7.75
CA LEU B 236 -2.71 21.78 7.58
C LEU B 236 -1.99 20.67 6.79
N GLU B 237 -2.38 19.42 7.02
CA GLU B 237 -1.72 18.29 6.37
C GLU B 237 -2.11 18.21 4.90
N VAL B 238 -3.33 18.64 4.61
CA VAL B 238 -3.82 18.65 3.25
C VAL B 238 -3.03 19.67 2.42
N ILE B 239 -2.86 20.87 2.96
CA ILE B 239 -2.01 21.91 2.34
C ILE B 239 -0.62 21.38 2.06
N GLU B 240 0.02 20.82 3.08
CA GLU B 240 1.38 20.29 2.95
C GLU B 240 1.47 19.20 1.87
N THR B 241 0.49 18.29 1.88
CA THR B 241 0.34 17.27 0.84
C THR B 241 0.33 17.86 -0.57
N HIS B 242 -0.46 18.90 -0.75
CA HIS B 242 -0.53 19.56 -2.05
C HIS B 242 0.84 20.11 -2.48
N LEU B 243 1.55 20.71 -1.53
CA LEU B 243 2.80 21.42 -1.80
C LEU B 243 3.95 20.44 -2.03
N LEU B 244 3.98 19.39 -1.23
CA LEU B 244 4.96 18.32 -1.39
C LEU B 244 4.76 17.54 -2.69
N PHE B 245 3.51 17.27 -3.04
CA PHE B 245 3.26 16.23 -4.04
C PHE B 245 2.70 16.75 -5.35
N GLY B 246 2.12 17.95 -5.33
CA GLY B 246 1.64 18.57 -6.56
C GLY B 246 0.26 18.14 -7.01
N ILE B 247 -0.45 17.46 -6.13
CA ILE B 247 -1.78 16.98 -6.48
C ILE B 247 -2.77 18.10 -6.21
N PRO B 248 -3.69 18.33 -7.15
CA PRO B 248 -4.73 19.36 -6.97
C PRO B 248 -5.52 19.09 -5.71
N TYR B 249 -5.99 20.15 -5.06
CA TYR B 249 -6.75 20.01 -3.83
C TYR B 249 -8.03 19.20 -3.97
N ASP B 250 -8.66 19.22 -5.15
CA ASP B 250 -9.91 18.48 -5.31
C ASP B 250 -9.69 16.96 -5.49
N ARG B 251 -8.43 16.56 -5.56
CA ARG B 251 -8.06 15.14 -5.59
C ARG B 251 -7.25 14.77 -4.36
N ILE B 252 -7.43 15.51 -3.27
CA ILE B 252 -6.82 15.14 -2.00
C ILE B 252 -7.92 14.90 -0.99
N ASP B 253 -8.16 13.65 -0.61
CA ASP B 253 -9.28 13.37 0.27
C ASP B 253 -8.87 13.12 1.70
N VAL B 254 -9.86 13.12 2.57
CA VAL B 254 -9.65 12.74 3.96
C VAL B 254 -10.71 11.72 4.36
N VAL B 255 -10.27 10.64 5.00
CA VAL B 255 -11.20 9.67 5.58
C VAL B 255 -10.83 9.51 7.04
N VAL B 256 -11.85 9.32 7.89
CA VAL B 256 -11.60 9.04 9.29
C VAL B 256 -11.31 7.55 9.49
N HIS B 257 -10.22 7.28 10.20
CA HIS B 257 -9.75 5.93 10.49
C HIS B 257 -9.23 5.93 11.93
N PRO B 258 -10.10 5.55 12.89
CA PRO B 258 -9.91 5.65 14.35
C PRO B 258 -8.70 4.92 14.91
N GLN B 259 -8.30 3.79 14.31
CA GLN B 259 -7.17 3.02 14.83
C GLN B 259 -5.81 3.64 14.51
N SER B 260 -5.76 4.49 13.49
CA SER B 260 -4.50 5.11 13.06
C SER B 260 -3.41 4.10 12.65
N ILE B 261 -3.83 3.01 12.01
CA ILE B 261 -2.88 2.02 11.54
C ILE B 261 -2.52 2.35 10.11
N ILE B 262 -3.54 2.62 9.31
CA ILE B 262 -3.30 3.10 7.97
C ILE B 262 -3.08 4.60 8.07
N HIS B 263 -1.90 5.04 7.66
CA HIS B 263 -1.48 6.42 7.88
C HIS B 263 -1.82 7.32 6.69
N SER B 264 -2.03 6.71 5.53
CA SER B 264 -2.56 7.35 4.32
C SER B 264 -2.45 6.36 3.18
N MET B 265 -3.02 6.71 2.04
CA MET B 265 -3.02 5.85 0.88
C MET B 265 -3.18 6.64 -0.41
N VAL B 266 -2.99 5.94 -1.52
CA VAL B 266 -3.00 6.52 -2.86
C VAL B 266 -3.89 5.67 -3.75
N THR B 267 -4.85 6.32 -4.42
CA THR B 267 -5.62 5.61 -5.41
C THR B 267 -5.15 5.95 -6.81
N PHE B 268 -4.82 4.91 -7.56
CA PHE B 268 -4.35 5.05 -8.92
C PHE B 268 -5.48 4.98 -9.92
N ILE B 269 -5.21 5.33 -11.17
CA ILE B 269 -6.27 5.48 -12.18
C ILE B 269 -6.92 4.17 -12.63
N ASP B 270 -6.31 3.02 -12.33
CA ASP B 270 -6.92 1.74 -12.73
C ASP B 270 -7.91 1.27 -11.66
N GLY B 271 -7.97 1.98 -10.55
CA GLY B 271 -8.80 1.58 -9.43
C GLY B 271 -8.07 0.92 -8.28
N SER B 272 -6.75 0.74 -8.40
CA SER B 272 -5.97 0.17 -7.31
C SER B 272 -5.63 1.21 -6.25
N THR B 273 -5.77 0.84 -4.98
CA THR B 273 -5.32 1.69 -3.88
C THR B 273 -4.12 1.05 -3.16
N ILE B 274 -3.05 1.83 -3.02
CA ILE B 274 -1.92 1.40 -2.20
C ILE B 274 -1.92 2.17 -0.87
N ALA B 275 -1.79 1.46 0.25
CA ALA B 275 -1.85 2.04 1.57
C ALA B 275 -0.61 1.66 2.38
N GLN B 276 -0.24 2.52 3.32
CA GLN B 276 0.88 2.24 4.22
C GLN B 276 0.33 2.04 5.61
N ALA B 277 0.84 1.04 6.32
CA ALA B 277 0.24 0.66 7.60
C ALA B 277 1.26 0.23 8.64
N SER B 278 1.08 0.72 9.86
CA SER B 278 1.94 0.31 10.98
C SER B 278 1.33 0.74 12.31
N PRO B 279 1.64 0.02 13.39
CA PRO B 279 1.20 0.56 14.68
C PRO B 279 1.84 1.92 14.87
N PRO B 280 1.10 2.90 15.41
CA PRO B 280 1.61 4.28 15.52
C PRO B 280 2.95 4.30 16.26
N ASP B 281 3.91 5.00 15.67
CA ASP B 281 5.26 5.18 16.22
C ASP B 281 5.98 6.11 15.26
N MET B 282 6.33 7.31 15.72
CA MET B 282 6.90 8.32 14.83
C MET B 282 8.31 7.94 14.42
N LYS B 283 8.93 7.05 15.17
CA LYS B 283 10.27 6.58 14.82
C LYS B 283 10.37 5.99 13.41
N LEU B 284 9.26 5.46 12.89
CA LEU B 284 9.28 4.90 11.53
C LEU B 284 9.35 5.96 10.41
N PRO B 285 8.39 6.90 10.34
CA PRO B 285 8.56 7.95 9.33
C PRO B 285 9.82 8.78 9.54
N ILE B 286 10.20 9.01 10.79
CA ILE B 286 11.42 9.73 11.12
C ILE B 286 12.64 8.99 10.56
N SER B 287 12.71 7.67 10.81
CA SER B 287 13.85 6.88 10.33
C SER B 287 13.92 6.91 8.81
N LEU B 288 12.76 6.88 8.18
CA LEU B 288 12.67 6.87 6.74
C LEU B 288 13.04 8.24 6.15
N ALA B 289 12.73 9.31 6.88
CA ALA B 289 13.08 10.63 6.41
C ALA B 289 14.60 10.80 6.44
N LEU B 290 15.22 10.22 7.45
CA LEU B 290 16.66 10.36 7.65
C LEU B 290 17.44 9.55 6.64
N GLY B 291 16.97 8.33 6.38
CA GLY B 291 17.71 7.40 5.54
C GLY B 291 17.24 7.31 4.10
N TRP B 292 16.28 8.16 3.72
CA TRP B 292 15.69 8.11 2.40
C TRP B 292 16.74 8.02 1.31
N PRO B 293 16.54 7.11 0.33
CA PRO B 293 15.37 6.22 0.19
C PRO B 293 15.53 4.83 0.83
N ARG B 294 16.59 4.59 1.59
CA ARG B 294 16.81 3.26 2.16
C ARG B 294 16.17 3.11 3.53
N ARG B 295 15.42 2.02 3.72
CA ARG B 295 14.71 1.81 4.96
C ARG B 295 15.69 1.45 6.09
N VAL B 296 15.29 1.70 7.34
CA VAL B 296 16.16 1.47 8.49
C VAL B 296 15.75 0.23 9.26
N SER B 297 16.61 -0.78 9.25
CA SER B 297 16.27 -2.06 9.87
C SER B 297 15.83 -1.89 11.32
N GLY B 298 14.60 -2.33 11.61
CA GLY B 298 14.09 -2.37 12.97
C GLY B 298 13.66 -1.04 13.59
N ALA B 299 13.30 -0.06 12.77
CA ALA B 299 12.90 1.25 13.29
C ALA B 299 11.65 1.16 14.17
N ALA B 300 10.74 0.28 13.80
CA ALA B 300 9.47 0.22 14.51
C ALA B 300 8.87 -1.17 14.38
N ALA B 301 7.85 -1.44 15.18
CA ALA B 301 7.17 -2.72 15.14
C ALA B 301 6.21 -2.78 13.96
N ALA B 302 6.11 -3.94 13.33
CA ALA B 302 5.18 -4.14 12.24
C ALA B 302 3.79 -4.40 12.79
N CYS B 303 2.76 -4.21 11.95
CA CYS B 303 1.43 -4.80 12.22
C CYS B 303 1.54 -6.28 12.49
N ASP B 304 0.74 -6.78 13.43
CA ASP B 304 0.74 -8.19 13.79
C ASP B 304 -0.58 -8.84 13.42
N PHE B 305 -0.53 -9.70 12.40
CA PHE B 305 -1.73 -10.36 11.91
C PHE B 305 -1.94 -11.73 12.56
N HIS B 306 -1.19 -11.99 13.64
CA HIS B 306 -1.37 -13.21 14.43
C HIS B 306 -2.51 -13.05 15.41
N THR B 307 -3.07 -11.86 15.48
CA THR B 307 -4.16 -11.60 16.39
C THR B 307 -5.25 -10.81 15.68
N ALA B 308 -6.49 -11.01 16.08
CA ALA B 308 -7.61 -10.39 15.40
C ALA B 308 -7.51 -8.88 15.51
N SER B 309 -8.02 -8.18 14.50
CA SER B 309 -8.08 -6.73 14.56
C SER B 309 -8.91 -6.22 13.41
N SER B 310 -9.23 -4.94 13.44
CA SER B 310 -9.99 -4.32 12.36
C SER B 310 -9.61 -2.86 12.09
N TRP B 311 -9.66 -2.48 10.82
CA TRP B 311 -9.34 -1.14 10.39
C TRP B 311 -10.63 -0.54 9.86
N GLU B 312 -11.17 0.41 10.61
CA GLU B 312 -12.44 1.03 10.26
C GLU B 312 -12.26 2.35 9.53
N PHE B 313 -13.20 2.63 8.65
CA PHE B 313 -13.24 3.87 7.91
C PHE B 313 -14.65 4.42 7.98
N GLU B 314 -14.73 5.74 8.08
CA GLU B 314 -16.01 6.43 7.99
C GLU B 314 -15.75 7.78 7.37
N PRO B 315 -16.74 8.31 6.65
CA PRO B 315 -16.54 9.62 6.03
C PRO B 315 -16.48 10.71 7.08
N LEU B 316 -15.81 11.81 6.76
CA LEU B 316 -15.81 12.97 7.62
C LEU B 316 -17.05 13.82 7.33
N ASP B 317 -17.79 14.18 8.36
CA ASP B 317 -18.96 15.06 8.19
C ASP B 317 -18.45 16.49 8.04
N THR B 318 -18.43 16.98 6.80
CA THR B 318 -17.79 18.26 6.54
C THR B 318 -18.63 19.47 6.94
N ASP B 319 -19.93 19.25 7.19
CA ASP B 319 -20.79 20.29 7.76
C ASP B 319 -20.39 20.54 9.21
N VAL B 320 -20.08 19.47 9.92
CA VAL B 320 -19.69 19.57 11.32
C VAL B 320 -18.20 19.90 11.52
N PHE B 321 -17.37 19.46 10.57
CA PHE B 321 -15.93 19.72 10.62
C PHE B 321 -15.46 20.27 9.26
N PRO B 322 -15.70 21.56 9.00
CA PRO B 322 -15.29 22.17 7.72
C PRO B 322 -13.84 22.69 7.69
N ALA B 323 -13.06 22.34 8.72
CA ALA B 323 -11.65 22.73 8.83
C ALA B 323 -10.78 22.27 7.65
N VAL B 324 -11.11 21.12 7.06
CA VAL B 324 -10.33 20.61 5.94
C VAL B 324 -10.69 21.33 4.64
N GLU B 325 -11.99 21.49 4.39
CA GLU B 325 -12.44 22.25 3.24
C GLU B 325 -11.97 23.72 3.27
N LEU B 326 -11.91 24.31 4.47
CA LEU B 326 -11.39 25.68 4.63
C LEU B 326 -9.94 25.75 4.17
N ALA B 327 -9.17 24.75 4.59
CA ALA B 327 -7.77 24.65 4.21
C ALA B 327 -7.62 24.52 2.70
N ARG B 328 -8.52 23.77 2.06
CA ARG B 328 -8.49 23.59 0.61
C ARG B 328 -8.79 24.91 -0.10
N GLN B 329 -9.72 25.68 0.45
CA GLN B 329 -10.00 27.01 -0.09
C GLN B 329 -8.78 27.95 0.02
N ALA B 330 -8.21 28.04 1.22
CA ALA B 330 -6.98 28.82 1.43
C ALA B 330 -5.86 28.36 0.51
N GLY B 331 -5.68 27.05 0.40
CA GLY B 331 -4.65 26.47 -0.45
C GLY B 331 -4.84 26.76 -1.93
N VAL B 332 -6.10 26.72 -2.40
CA VAL B 332 -6.37 27.03 -3.80
C VAL B 332 -6.10 28.50 -4.10
N ALA B 333 -6.47 29.37 -3.16
CA ALA B 333 -6.14 30.79 -3.23
C ALA B 333 -4.64 31.02 -3.36
N GLY B 334 -3.86 30.28 -2.56
CA GLY B 334 -2.43 30.25 -2.72
C GLY B 334 -1.74 31.46 -2.14
N GLY B 335 -0.45 31.61 -2.45
CA GLY B 335 0.35 32.72 -1.97
C GLY B 335 0.54 32.68 -0.46
N CYS B 336 0.11 33.73 0.22
CA CYS B 336 0.26 33.85 1.67
C CYS B 336 -0.98 33.36 2.41
N MET B 337 -1.99 32.95 1.64
CA MET B 337 -3.29 32.55 2.20
C MET B 337 -3.22 31.41 3.21
N THR B 338 -2.33 30.46 3.00
CA THR B 338 -2.23 29.37 3.96
C THR B 338 -1.49 29.84 5.22
N ALA B 339 -0.62 30.83 5.08
CA ALA B 339 -0.02 31.50 6.24
C ALA B 339 -1.13 32.12 7.09
N VAL B 340 -2.10 32.73 6.41
CA VAL B 340 -3.26 33.35 7.04
C VAL B 340 -4.12 32.33 7.77
N TYR B 341 -4.50 31.30 7.04
CA TYR B 341 -5.24 30.17 7.58
C TYR B 341 -4.64 29.67 8.90
N ASN B 342 -3.35 29.36 8.89
CA ASN B 342 -2.70 28.83 10.09
C ASN B 342 -2.65 29.85 11.22
N ALA B 343 -2.23 31.08 10.92
CA ALA B 343 -2.18 32.13 11.93
C ALA B 343 -3.55 32.48 12.54
N ALA B 344 -4.57 32.59 11.70
CA ALA B 344 -5.94 32.79 12.20
C ALA B 344 -6.32 31.68 13.16
N ASN B 345 -5.97 30.44 12.81
CA ASN B 345 -6.25 29.29 13.68
C ASN B 345 -5.60 29.40 15.04
N GLU B 346 -4.33 29.80 15.03
CA GLU B 346 -3.53 29.87 16.24
C GLU B 346 -4.10 30.88 17.21
N GLU B 347 -4.57 32.00 16.67
CA GLU B 347 -5.21 33.01 17.49
C GLU B 347 -6.57 32.52 17.97
N ALA B 348 -7.37 31.94 17.08
CA ALA B 348 -8.70 31.45 17.44
C ALA B 348 -8.67 30.37 18.52
N ALA B 349 -7.79 29.40 18.36
CA ALA B 349 -7.65 28.32 19.34
C ALA B 349 -7.25 28.87 20.71
N ALA B 350 -6.42 29.93 20.71
CA ALA B 350 -6.00 30.58 21.95
C ALA B 350 -7.22 31.21 22.65
N ALA B 351 -8.09 31.83 21.86
CA ALA B 351 -9.30 32.40 22.39
C ALA B 351 -10.17 31.29 22.99
N PHE B 352 -10.24 30.14 22.31
CA PHE B 352 -11.04 29.04 22.84
C PHE B 352 -10.36 28.43 24.06
N LEU B 353 -9.04 28.30 24.03
CA LEU B 353 -8.32 27.78 25.17
C LEU B 353 -8.48 28.72 26.36
N ALA B 354 -8.70 30.01 26.07
CA ALA B 354 -8.83 31.04 27.11
C ALA B 354 -10.29 31.30 27.49
N GLY B 355 -11.18 30.41 27.07
CA GLY B 355 -12.58 30.52 27.43
C GLY B 355 -13.35 31.66 26.78
N ARG B 356 -12.67 32.44 25.93
CA ARG B 356 -13.27 33.62 25.31
C ARG B 356 -14.30 33.27 24.24
N ILE B 357 -14.08 32.16 23.55
CA ILE B 357 -15.00 31.71 22.49
C ILE B 357 -15.38 30.24 22.65
N GLY B 358 -16.41 29.82 21.92
CA GLY B 358 -16.83 28.44 21.92
C GLY B 358 -16.07 27.60 20.89
N PHE B 359 -16.07 26.28 21.07
CA PHE B 359 -15.35 25.38 20.18
C PHE B 359 -15.71 25.58 18.71
N PRO B 360 -17.02 25.59 18.35
CA PRO B 360 -17.33 25.77 16.92
C PRO B 360 -16.82 27.08 16.35
N ALA B 361 -16.53 28.07 17.21
CA ALA B 361 -16.08 29.39 16.77
C ALA B 361 -14.66 29.39 16.24
N ILE B 362 -13.88 28.37 16.56
CA ILE B 362 -12.49 28.32 16.12
C ILE B 362 -12.43 28.36 14.59
N VAL B 363 -13.18 27.49 13.95
CA VAL B 363 -13.17 27.41 12.50
C VAL B 363 -13.99 28.55 11.87
N GLY B 364 -14.95 29.07 12.63
CA GLY B 364 -15.72 30.22 12.19
C GLY B 364 -14.85 31.46 12.09
N ILE B 365 -14.01 31.70 13.09
CA ILE B 365 -13.10 32.84 13.03
C ILE B 365 -12.10 32.67 11.90
N ILE B 366 -11.61 31.44 11.73
CA ILE B 366 -10.67 31.18 10.64
C ILE B 366 -11.28 31.55 9.31
N ALA B 367 -12.53 31.15 9.11
CA ALA B 367 -13.24 31.45 7.86
C ALA B 367 -13.45 32.96 7.71
N ASP B 368 -13.81 33.61 8.82
CA ASP B 368 -13.99 35.05 8.88
C ASP B 368 -12.75 35.78 8.36
N VAL B 369 -11.61 35.45 8.94
CA VAL B 369 -10.35 36.06 8.54
C VAL B 369 -10.00 35.77 7.07
N LEU B 370 -10.17 34.52 6.63
CA LEU B 370 -9.90 34.15 5.24
C LEU B 370 -10.75 34.93 4.24
N HIS B 371 -12.02 35.17 4.58
CA HIS B 371 -12.93 35.88 3.68
C HIS B 371 -12.51 37.33 3.40
N ALA B 372 -11.76 37.92 4.33
CA ALA B 372 -11.32 39.31 4.23
C ALA B 372 -9.89 39.47 3.71
N ALA B 373 -9.24 38.36 3.41
CA ALA B 373 -7.79 38.34 3.20
C ALA B 373 -7.35 38.29 1.76
N ASP B 374 -8.16 38.80 0.85
CA ASP B 374 -7.88 38.65 -0.59
C ASP B 374 -6.53 39.21 -1.01
N GLN B 375 -6.08 40.24 -0.30
CA GLN B 375 -4.79 40.86 -0.53
C GLN B 375 -3.64 39.86 -0.31
N TRP B 376 -3.84 38.88 0.56
CA TRP B 376 -2.76 37.92 0.85
C TRP B 376 -2.66 36.74 -0.13
N ALA B 377 -3.34 36.84 -1.27
CA ALA B 377 -3.20 35.82 -2.31
C ALA B 377 -1.91 35.97 -3.11
N VAL B 378 -1.27 37.13 -3.01
CA VAL B 378 0.01 37.33 -3.68
C VAL B 378 1.06 36.34 -3.16
N GLU B 379 2.01 36.01 -4.03
CA GLU B 379 3.14 35.18 -3.65
C GLU B 379 4.08 35.96 -2.75
N PRO B 380 4.52 35.34 -1.64
CA PRO B 380 5.50 35.99 -0.77
C PRO B 380 6.85 36.10 -1.47
N ALA B 381 7.52 37.25 -1.33
CA ALA B 381 8.84 37.44 -1.92
C ALA B 381 9.91 37.10 -0.89
N THR B 382 9.60 37.38 0.37
CA THR B 382 10.56 37.27 1.44
C THR B 382 9.90 36.67 2.66
N VAL B 383 10.74 36.24 3.60
CA VAL B 383 10.27 35.75 4.87
C VAL B 383 9.39 36.79 5.59
N ASP B 384 9.80 38.06 5.50
CA ASP B 384 9.05 39.15 6.12
C ASP B 384 7.62 39.23 5.60
N ASP B 385 7.43 38.97 4.32
CA ASP B 385 6.08 38.87 3.75
C ASP B 385 5.21 37.82 4.49
N VAL B 386 5.78 36.65 4.75
CA VAL B 386 5.06 35.59 5.47
C VAL B 386 4.69 36.05 6.88
N LEU B 387 5.68 36.62 7.57
CA LEU B 387 5.50 37.12 8.95
C LEU B 387 4.44 38.20 8.97
N ASP B 388 4.44 39.04 7.94
CA ASP B 388 3.45 40.09 7.80
C ASP B 388 2.06 39.51 7.57
N ALA B 389 1.94 38.52 6.69
CA ALA B 389 0.67 37.84 6.51
C ALA B 389 0.18 37.33 7.85
N GLN B 390 1.09 36.68 8.58
CA GLN B 390 0.77 36.12 9.90
C GLN B 390 0.26 37.14 10.90
N ARG B 391 0.97 38.25 11.05
CA ARG B 391 0.51 39.32 11.94
C ARG B 391 -0.87 39.86 11.57
N TRP B 392 -1.13 40.00 10.28
CA TRP B 392 -2.43 40.50 9.82
C TRP B 392 -3.55 39.54 10.21
N ALA B 393 -3.35 38.26 9.96
CA ALA B 393 -4.34 37.24 10.31
C ALA B 393 -4.66 37.21 11.82
N ARG B 394 -3.61 37.23 12.64
CA ARG B 394 -3.77 37.29 14.10
C ARG B 394 -4.60 38.48 14.56
N GLU B 395 -4.22 39.67 14.11
CA GLU B 395 -4.93 40.90 14.43
C GLU B 395 -6.39 40.82 13.99
N ARG B 396 -6.60 40.33 12.77
CA ARG B 396 -7.94 40.15 12.23
C ARG B 396 -8.77 39.17 13.07
N ALA B 397 -8.15 38.06 13.46
CA ALA B 397 -8.82 37.07 14.30
C ALA B 397 -9.08 37.60 15.72
N GLN B 398 -8.14 38.39 16.22
CA GLN B 398 -8.29 39.00 17.54
C GLN B 398 -9.51 39.90 17.57
N ARG B 399 -9.70 40.67 16.50
CA ARG B 399 -10.83 41.57 16.39
C ARG B 399 -12.15 40.78 16.33
N ALA B 400 -12.11 39.63 15.66
CA ALA B 400 -13.28 38.76 15.53
C ALA B 400 -13.70 38.22 16.89
N VAL B 401 -12.71 37.78 17.65
CA VAL B 401 -12.94 37.34 19.02
C VAL B 401 -13.55 38.45 19.89
N SER B 402 -12.96 39.63 19.86
CA SER B 402 -13.35 40.65 20.84
C SER B 402 -14.56 41.47 20.40
N GLY B 403 -14.90 41.40 19.12
CA GLY B 403 -15.96 42.23 18.58
C GLY B 403 -15.50 43.68 18.56
N MET B 404 -14.35 43.92 17.94
CA MET B 404 -13.78 45.26 17.85
C MET B 404 -13.12 45.50 16.49
#